data_8XVH
#
_entry.id   8XVH
#
loop_
_entity.id
_entity.type
_entity.pdbx_description
1 polymer 'Isoform Gnas-2 of Guanine nucleotide-binding protein G(s) subunit alpha isoforms short'
2 polymer 'Guanine nucleotide-binding protein G(I)/G(S)/G(T) subunit beta-1'
3 polymer 'Guanine nucleotide-binding protein G(I)/G(S)/G(O) subunit gamma-2'
4 polymer 'Nanobody 35'
5 polymer Endothelin-1
6 polymer 'Exo-alpha-sialidase,Endothelin receptor type B'
#
loop_
_entity_poly.entity_id
_entity_poly.type
_entity_poly.pdbx_seq_one_letter_code
_entity_poly.pdbx_strand_id
1 'polypeptide(L)'
;HHHHHHENLYFQGNSKTEDQRNEEKAQREANKKIEKQLQKDKQVYRATHRLLLLGADNSGKSTIVKQMRILHGGSGGSGG
TSGIFETKFQVDKVNFHMFDVGGQRDERRKWIQCFNDVTAIIFVVDSSDYNRLQEALNLFKSIWNNRWLRTISVILFLNK
QDLLAEKVLAGKSKIEDYFPEFARYTTPEDATPEPGEDPRVTRAKYFIRDEFLRISTASGDGRHYCYPHFTCAVDTENAR
RIFNDCKDIILQMNLREYNLV
;
A
2 'polypeptide(L)'
;IGRARGFSELDQLRQEAEQLKNQIRDARKACADATLSQITNNIDPVGRIQMRTRRTLRGHLAKIYAMHWGTDSRLLVSAS
QDGKLIIWDSYTTNKVHAIPLRSSWVMTCAYAPSGNYVACGGLDNICSIYNLKTREGNVRVSRELAGHTGYLSCCRFLDD
NQIVTSSGDTTCALWDIETGQQTTTFTGHTGDVMSLSLAPDTRLFVSGACDASAKLWDVREGMCRQTFTGHESDINAICF
FPNGNAFATGSDDATCRLFDLRADQELMTYSHDNIICGITSVSFSKSGRLLLAGYDDFNCNVWDALKADRAGVLAGHDNR
VSCLGVTDDGMAVATGSWDSFLKIWN
;
B
3 'polypeptide(L)' MASNNTASIAQARKLVEQLKMEANIDRIKVSKAAADLMAYCEAHAKEDPLLTPVPASENPFREKKFFCAIL G
4 'polypeptide(L)'
;MKYLLPTAAAGLLLLAAQPAMAMQVQLQESGGGLVQPGGSLRLSCAASGFTFSNYKMNWVRQAPGKGLEWVSDISQSGAS
ISYTGSVKGRFTISRDNAKNTLYLQMNSLKPEDTAVYYCARCPAPFTRDCFDVTSTTYAYRGQGTQVTVSSHHHHHH
;
N
5 'polypeptide(L)' CSCSSLMDKECVYFCHLDIIW T
6 'polypeptide(L)'
;MKTIIALSYIFCLVFADYKDDDDAGRAVEGAVKTEPVDLFHPGFLNSSNYRIPALFKTKEGTLIASIDARRHGGADAPNN
DIDTAVRRSEDGGKTWDEGQIIMDYPDKSSVIDTTLIQDDETGRIFLLVTHFPSKYGFWNAGLGSGFKNIDGKEYLCLYD
SSGKEFTVRENVVYDKDSNKTEYTTNALGDLFKNGTKIDNINSSTAPLKAKGTSYINLVYSDDDGKTWSEPQNINFQVKK
DWMKFLGIAPGRGIQIKNGEHKGRIVVPVYYTNEKGKQSSAVIYSDDSGKNWTIGESPNDNRKLENGKIINSKTLSDDAP
QLTECQVVEMPNGQLKLFMRNLSGYLNIATSFDGGATWDETVEKDTNVLEPYCQLSVINYSQKVDGKDAVIFSNPNARSR
SNGTVRIGLINQVGTYENGEPKYEFDWKYNKLVKPGYYAYSCLTELSNGNIGLLYEGTPSEEMSYIEMNLKYLESGANKA
PAEVPKGDRTAGSPPRTISPPPCQGPIEIKETFKYINTVVSCLVFVLGIIGNSTLLRIIYKNKCMRNGPNILIASLALGD
LLHIVIDIPINVYKLLAEDWPFGAEMCKLVPFIQKASVGITVLSLCALSIDRYRAVASWSRIKGIGVPKWTAVEIVLIWV
VSVVLAVPEAIGFDIITMDYKGSYLRICLLHPVQKTAFMQFYKTAKDWWLFSFYFCLPLAITAFFYTLMTCEMLRKKSGM
QIALNDHLKQRREVAKTVFCLVLVFALCWLPLHLSRILKLTLYNQNDPNRCELLSFLLVLDYIGINMASLNSCINPIALY
LVSKRFKNCFKSCLCCWCQLEVLFQGPHHHHHHHHHH
;
R
#
# COMPACT_ATOMS: atom_id res chain seq x y z
N THR A 17 -20.47 35.05 -25.23
CA THR A 17 -19.88 35.68 -26.40
C THR A 17 -18.37 35.84 -26.24
N GLU A 18 -17.86 37.01 -26.62
CA GLU A 18 -16.42 37.26 -26.49
C GLU A 18 -15.99 37.33 -25.03
N ASP A 19 -16.87 37.81 -24.14
CA ASP A 19 -16.53 37.85 -22.72
C ASP A 19 -16.33 36.44 -22.18
N GLN A 20 -17.17 35.49 -22.60
CA GLN A 20 -17.00 34.11 -22.18
C GLN A 20 -15.67 33.54 -22.69
N ARG A 21 -15.29 33.89 -23.92
CA ARG A 21 -14.01 33.45 -24.46
C ARG A 21 -12.85 34.01 -23.64
N ASN A 22 -12.92 35.30 -23.29
CA ASN A 22 -11.88 35.88 -22.44
C ASN A 22 -11.82 35.18 -21.10
N GLU A 23 -12.99 34.85 -20.52
CA GLU A 23 -13.02 34.17 -19.23
C GLU A 23 -12.35 32.80 -19.31
N GLU A 24 -12.67 32.01 -20.35
CA GLU A 24 -12.08 30.67 -20.37
C GLU A 24 -10.61 30.73 -20.72
N LYS A 25 -10.18 31.72 -21.51
CA LYS A 25 -8.75 31.91 -21.76
C LYS A 25 -8.02 32.26 -20.47
N ALA A 26 -8.59 33.14 -19.66
CA ALA A 26 -7.97 33.48 -18.37
C ALA A 26 -7.92 32.26 -17.46
N GLN A 27 -8.98 31.46 -17.45
CA GLN A 27 -8.99 30.24 -16.64
C GLN A 27 -7.91 29.27 -17.09
N ARG A 28 -7.73 29.12 -18.41
CA ARG A 28 -6.67 28.25 -18.92
C ARG A 28 -5.28 28.77 -18.54
N GLU A 29 -5.08 30.09 -18.60
CA GLU A 29 -3.80 30.65 -18.19
C GLU A 29 -3.53 30.39 -16.72
N ALA A 30 -4.55 30.54 -15.88
CA ALA A 30 -4.41 30.23 -14.45
C ALA A 30 -4.06 28.77 -14.25
N ASN A 31 -4.70 27.87 -15.00
CA ASN A 31 -4.36 26.46 -14.92
C ASN A 31 -2.90 26.23 -15.29
N LYS A 32 -2.43 26.87 -16.35
CA LYS A 32 -1.03 26.69 -16.76
C LYS A 32 -0.06 27.13 -15.67
N LYS A 33 -0.31 28.31 -15.09
CA LYS A 33 0.58 28.80 -14.04
C LYS A 33 0.56 27.88 -12.82
N ILE A 34 -0.64 27.44 -12.41
CA ILE A 34 -0.75 26.57 -11.25
C ILE A 34 -0.04 25.24 -11.51
N GLU A 35 -0.17 24.70 -12.71
CA GLU A 35 0.49 23.44 -13.03
C GLU A 35 2.01 23.60 -13.01
N LYS A 36 2.52 24.72 -13.53
CA LYS A 36 3.96 24.95 -13.49
C LYS A 36 4.47 25.03 -12.05
N GLN A 37 3.74 25.76 -11.20
CA GLN A 37 4.16 25.85 -9.79
C GLN A 37 4.09 24.50 -9.10
N LEU A 38 3.06 23.69 -9.43
CA LEU A 38 2.95 22.36 -8.84
C LEU A 38 4.10 21.47 -9.27
N GLN A 39 4.53 21.56 -10.53
CA GLN A 39 5.69 20.81 -10.97
C GLN A 39 6.94 21.24 -10.23
N LYS A 40 7.10 22.55 -10.03
CA LYS A 40 8.24 23.04 -9.26
C LYS A 40 8.23 22.46 -7.86
N ASP A 41 7.07 22.48 -7.19
CA ASP A 41 6.97 21.93 -5.85
C ASP A 41 7.26 20.43 -5.82
N LYS A 42 6.75 19.70 -6.81
CA LYS A 42 7.01 18.27 -6.90
C LYS A 42 8.49 17.98 -7.06
N GLN A 43 9.21 18.87 -7.73
CA GLN A 43 10.66 18.68 -7.87
C GLN A 43 11.36 18.64 -6.53
N VAL A 44 10.87 19.41 -5.56
CA VAL A 44 11.53 19.50 -4.26
C VAL A 44 10.99 18.48 -3.26
N TYR A 45 9.67 18.24 -3.29
CA TYR A 45 9.06 17.36 -2.29
C TYR A 45 9.59 15.94 -2.39
N ARG A 46 10.06 15.53 -3.56
CA ARG A 46 10.52 14.16 -3.77
C ARG A 46 11.98 13.96 -3.38
N ALA A 47 12.67 15.00 -2.92
CA ALA A 47 14.08 14.91 -2.60
C ALA A 47 14.37 14.93 -1.10
N THR A 48 13.35 15.07 -0.27
CA THR A 48 13.52 15.12 1.18
C THR A 48 12.90 13.88 1.83
N HIS A 49 13.60 13.32 2.80
CA HIS A 49 13.16 12.12 3.50
C HIS A 49 12.59 12.49 4.86
N ARG A 50 11.53 11.80 5.26
CA ARG A 50 10.85 12.03 6.52
C ARG A 50 11.07 10.86 7.47
N LEU A 51 11.17 11.17 8.76
CA LEU A 51 11.38 10.18 9.80
C LEU A 51 10.47 10.46 10.99
N LEU A 52 10.08 9.41 11.69
CA LEU A 52 9.25 9.51 12.88
C LEU A 52 10.03 9.09 14.11
N LEU A 53 9.84 9.83 15.20
CA LEU A 53 10.50 9.56 16.48
C LEU A 53 9.45 9.16 17.50
N LEU A 54 9.38 7.86 17.80
CA LEU A 54 8.47 7.33 18.81
C LEU A 54 9.29 6.70 19.94
N GLY A 55 9.07 7.18 21.15
CA GLY A 55 9.83 6.73 22.29
C GLY A 55 9.05 6.86 23.58
N ALA A 56 9.77 6.90 24.70
CA ALA A 56 9.18 6.97 26.02
C ALA A 56 9.77 8.16 26.78
N ASP A 57 9.17 8.45 27.93
CA ASP A 57 9.61 9.59 28.72
C ASP A 57 11.03 9.43 29.22
N ASN A 58 11.39 8.23 29.68
CA ASN A 58 12.73 8.01 30.21
C ASN A 58 13.78 8.07 29.11
N SER A 59 13.43 7.60 27.92
CA SER A 59 14.40 7.55 26.82
C SER A 59 14.81 8.97 26.41
N GLY A 60 16.08 9.11 26.03
CA GLY A 60 16.61 10.41 25.65
C GLY A 60 16.35 10.78 24.20
N LYS A 61 15.07 10.79 23.81
CA LYS A 61 14.72 11.22 22.46
C LYS A 61 15.08 12.68 22.25
N SER A 62 14.82 13.53 23.25
CA SER A 62 15.21 14.93 23.14
C SER A 62 16.73 15.07 23.04
N THR A 63 17.47 14.24 23.77
CA THR A 63 18.93 14.32 23.75
C THR A 63 19.47 13.99 22.36
N ILE A 64 19.01 12.90 21.75
CA ILE A 64 19.47 12.56 20.42
C ILE A 64 19.01 13.59 19.39
N VAL A 65 17.79 14.12 19.56
CA VAL A 65 17.32 15.18 18.68
C VAL A 65 18.28 16.36 18.72
N LYS A 66 18.67 16.77 19.94
CA LYS A 66 19.62 17.88 20.08
C LYS A 66 20.96 17.54 19.47
N GLN A 67 21.42 16.29 19.65
CA GLN A 67 22.72 15.89 19.11
C GLN A 67 22.76 16.00 17.58
N MET A 68 21.76 15.44 16.91
CA MET A 68 21.76 15.54 15.45
C MET A 68 21.16 16.85 14.93
N ARG A 69 20.55 17.66 15.81
CA ARG A 69 20.20 19.02 15.41
C ARG A 69 21.43 19.89 15.24
N ILE A 70 22.41 19.74 16.14
CA ILE A 70 23.63 20.53 16.08
C ILE A 70 24.70 19.79 15.27
N GLY A 83 2.90 21.35 20.50
CA GLY A 83 2.52 20.59 19.32
C GLY A 83 3.65 19.77 18.75
N ILE A 84 3.57 19.49 17.44
CA ILE A 84 4.60 18.71 16.78
C ILE A 84 5.88 19.53 16.69
N PHE A 85 7.00 18.89 17.01
CA PHE A 85 8.31 19.54 16.99
C PHE A 85 9.12 19.00 15.81
N GLU A 86 9.65 19.91 15.01
CA GLU A 86 10.43 19.57 13.84
C GLU A 86 11.91 19.82 14.10
N THR A 87 12.75 19.25 13.24
CA THR A 87 14.19 19.48 13.28
C THR A 87 14.78 19.17 11.92
N LYS A 88 15.85 19.88 11.56
CA LYS A 88 16.46 19.78 10.25
C LYS A 88 17.92 19.36 10.38
N PHE A 89 18.35 18.44 9.51
CA PHE A 89 19.77 18.19 9.31
C PHE A 89 19.96 17.58 7.92
N GLN A 90 21.16 17.77 7.38
CA GLN A 90 21.50 17.30 6.05
C GLN A 90 22.87 16.62 6.07
N VAL A 91 22.98 15.48 5.40
CA VAL A 91 24.23 14.73 5.33
C VAL A 91 24.47 14.32 3.88
N ASP A 92 25.65 14.67 3.35
CA ASP A 92 26.04 14.31 1.99
C ASP A 92 25.02 14.79 0.97
N LYS A 93 24.54 16.02 1.16
CA LYS A 93 23.58 16.65 0.25
C LYS A 93 22.32 15.81 0.09
N VAL A 94 21.87 15.18 1.18
CA VAL A 94 20.59 14.51 1.23
C VAL A 94 19.79 15.11 2.38
N ASN A 95 18.59 15.59 2.07
CA ASN A 95 17.80 16.33 3.04
C ASN A 95 17.03 15.38 3.94
N PHE A 96 16.94 15.73 5.22
CA PHE A 96 16.30 14.88 6.22
C PHE A 96 15.35 15.69 7.08
N HIS A 97 14.14 15.16 7.26
CA HIS A 97 13.11 15.78 8.09
C HIS A 97 12.70 14.77 9.16
N MET A 98 12.56 15.25 10.39
CA MET A 98 12.08 14.41 11.49
C MET A 98 10.91 15.08 12.18
N PHE A 99 10.03 14.26 12.76
CA PHE A 99 8.84 14.73 13.46
C PHE A 99 8.78 14.09 14.84
N ASP A 100 8.12 14.79 15.76
CA ASP A 100 7.91 14.29 17.12
C ASP A 100 6.53 14.74 17.57
N VAL A 101 5.61 13.78 17.68
CA VAL A 101 4.23 14.07 18.08
C VAL A 101 4.19 13.95 19.60
N GLY A 102 4.42 15.07 20.29
CA GLY A 102 4.50 15.06 21.73
C GLY A 102 3.54 16.02 22.41
N GLY A 103 2.31 16.11 21.91
CA GLY A 103 1.34 17.01 22.50
C GLY A 103 -0.06 16.43 22.61
N GLN A 104 -0.20 15.13 22.37
CA GLN A 104 -1.49 14.47 22.40
C GLN A 104 -1.65 13.67 23.70
N ARG A 105 -2.74 12.92 23.79
CA ARG A 105 -3.03 12.09 24.95
C ARG A 105 -2.28 10.76 24.84
N ASP A 106 -2.61 9.81 25.72
CA ASP A 106 -1.96 8.51 25.69
C ASP A 106 -2.35 7.72 24.45
N GLU A 107 -3.61 7.79 24.04
CA GLU A 107 -4.07 7.02 22.89
C GLU A 107 -3.34 7.45 21.63
N ARG A 108 -2.89 6.47 20.85
CA ARG A 108 -2.15 6.75 19.62
C ARG A 108 -2.61 5.88 18.46
N ARG A 109 -3.68 5.10 18.62
CA ARG A 109 -4.09 4.14 17.61
C ARG A 109 -4.67 4.78 16.36
N LYS A 110 -4.94 6.10 16.39
CA LYS A 110 -5.61 6.77 15.29
C LYS A 110 -4.72 7.77 14.56
N TRP A 111 -3.94 8.57 15.28
CA TRP A 111 -3.06 9.52 14.61
C TRP A 111 -1.74 8.89 14.17
N ILE A 112 -1.50 7.63 14.51
CA ILE A 112 -0.32 6.93 14.02
C ILE A 112 -0.49 6.50 12.57
N GLN A 113 -1.72 6.52 12.04
CA GLN A 113 -1.96 6.12 10.65
C GLN A 113 -1.50 7.17 9.65
N CYS A 114 -1.29 8.41 10.09
CA CYS A 114 -0.87 9.50 9.22
C CYS A 114 0.57 9.40 8.77
N PHE A 115 1.31 8.38 9.19
CA PHE A 115 2.70 8.17 8.80
C PHE A 115 2.83 6.87 8.01
N ASN A 116 1.88 6.62 7.12
CA ASN A 116 1.87 5.40 6.33
C ASN A 116 2.96 5.41 5.26
N ASP A 117 3.32 6.59 4.76
CA ASP A 117 4.26 6.68 3.65
C ASP A 117 5.56 7.33 4.09
N VAL A 118 6.07 6.93 5.25
CA VAL A 118 7.32 7.42 5.81
C VAL A 118 8.37 6.34 5.65
N THR A 119 9.59 6.76 5.25
CA THR A 119 10.63 5.79 4.91
C THR A 119 11.03 4.94 6.12
N ALA A 120 11.20 5.56 7.29
CA ALA A 120 11.71 4.83 8.44
C ALA A 120 11.13 5.41 9.72
N ILE A 121 11.20 4.60 10.77
CA ILE A 121 10.77 4.98 12.12
C ILE A 121 11.93 4.76 13.07
N ILE A 122 12.22 5.77 13.90
CA ILE A 122 13.31 5.69 14.87
C ILE A 122 12.70 5.39 16.23
N PHE A 123 13.15 4.31 16.87
CA PHE A 123 12.61 3.84 18.12
C PHE A 123 13.71 3.88 19.18
N VAL A 124 13.45 4.55 20.29
CA VAL A 124 14.40 4.71 21.37
C VAL A 124 13.84 4.01 22.61
N VAL A 125 14.63 3.11 23.19
CA VAL A 125 14.21 2.32 24.34
C VAL A 125 15.33 2.34 25.37
N ASP A 126 14.97 2.44 26.64
CA ASP A 126 15.94 2.38 27.72
C ASP A 126 16.31 0.92 28.02
N SER A 127 17.56 0.72 28.44
CA SER A 127 18.05 -0.60 28.81
C SER A 127 18.50 -0.71 30.26
N SER A 128 18.68 0.42 30.96
CA SER A 128 19.11 0.38 32.35
C SER A 128 18.01 -0.20 33.24
N ASP A 129 16.78 0.26 33.08
CA ASP A 129 15.67 -0.20 33.91
C ASP A 129 15.02 -1.44 33.29
N TYR A 130 14.37 -2.24 34.11
CA TYR A 130 13.77 -3.49 33.66
C TYR A 130 12.26 -3.54 33.84
N ASN A 131 11.66 -2.52 34.47
CA ASN A 131 10.23 -2.55 34.76
C ASN A 131 9.37 -2.31 33.53
N ARG A 132 9.78 -1.43 32.61
CA ARG A 132 8.98 -1.10 31.45
C ARG A 132 9.53 -1.73 30.17
N LEU A 133 10.45 -2.68 30.28
CA LEU A 133 10.90 -3.41 29.09
C LEU A 133 9.75 -4.18 28.45
N GLN A 134 8.85 -4.72 29.26
CA GLN A 134 7.69 -5.41 28.70
C GLN A 134 6.76 -4.45 27.98
N GLU A 135 6.58 -3.25 28.52
CA GLU A 135 5.78 -2.24 27.82
C GLU A 135 6.41 -1.85 26.50
N ALA A 136 7.73 -1.68 26.49
CA ALA A 136 8.43 -1.36 25.24
C ALA A 136 8.29 -2.48 24.22
N LEU A 137 8.41 -3.73 24.68
CA LEU A 137 8.27 -4.86 23.78
C LEU A 137 6.86 -4.95 23.22
N ASN A 138 5.85 -4.67 24.05
CA ASN A 138 4.47 -4.67 23.58
C ASN A 138 4.25 -3.58 22.54
N LEU A 139 4.84 -2.40 22.76
CA LEU A 139 4.77 -1.33 21.76
C LEU A 139 5.39 -1.75 20.45
N PHE A 140 6.56 -2.39 20.51
CA PHE A 140 7.22 -2.86 19.29
C PHE A 140 6.38 -3.91 18.57
N LYS A 141 5.79 -4.84 19.33
CA LYS A 141 4.95 -5.86 18.72
C LYS A 141 3.73 -5.25 18.06
N SER A 142 3.11 -4.26 18.71
CA SER A 142 1.95 -3.59 18.13
C SER A 142 2.32 -2.85 16.86
N ILE A 143 3.48 -2.18 16.85
CA ILE A 143 3.90 -1.44 15.66
C ILE A 143 4.21 -2.40 14.51
N TRP A 144 4.86 -3.52 14.82
CA TRP A 144 5.35 -4.43 13.79
C TRP A 144 4.24 -5.22 13.08
N ASN A 145 3.01 -5.18 13.58
CA ASN A 145 1.95 -6.05 13.07
C ASN A 145 0.68 -5.27 12.75
N ASN A 146 0.82 -4.02 12.32
CA ASN A 146 -0.34 -3.21 11.98
C ASN A 146 -0.58 -3.23 10.48
N ARG A 147 -1.85 -3.06 10.09
CA ARG A 147 -2.22 -3.21 8.69
C ARG A 147 -1.76 -2.03 7.83
N TRP A 148 -1.34 -0.93 8.44
CA TRP A 148 -0.89 0.24 7.69
C TRP A 148 0.57 0.59 7.96
N LEU A 149 1.30 -0.25 8.69
CA LEU A 149 2.72 0.01 8.95
C LEU A 149 3.58 -1.22 8.71
N ARG A 150 3.08 -2.20 7.96
CA ARG A 150 3.86 -3.41 7.72
C ARG A 150 4.85 -3.27 6.57
N THR A 151 4.88 -2.11 5.90
CA THR A 151 5.84 -1.84 4.86
C THR A 151 6.91 -0.83 5.31
N ILE A 152 6.94 -0.51 6.60
CA ILE A 152 7.82 0.52 7.15
C ILE A 152 8.81 -0.16 8.10
N SER A 153 10.09 0.09 7.87
CA SER A 153 11.15 -0.51 8.68
C SER A 153 11.45 0.38 9.90
N VAL A 154 12.17 -0.20 10.86
CA VAL A 154 12.46 0.44 12.14
C VAL A 154 13.96 0.41 12.37
N ILE A 155 14.42 1.32 13.23
CA ILE A 155 15.83 1.44 13.60
C ILE A 155 15.88 1.45 15.12
N LEU A 156 16.27 0.32 15.73
CA LEU A 156 16.41 0.27 17.18
C LEU A 156 17.58 1.13 17.63
N PHE A 157 17.41 1.80 18.77
CA PHE A 157 18.39 2.72 19.32
C PHE A 157 18.57 2.48 20.81
N LEU A 158 18.80 1.22 21.19
CA LEU A 158 19.05 0.83 22.57
C LEU A 158 20.03 1.79 23.23
N ASN A 159 19.56 2.48 24.27
CA ASN A 159 20.28 3.57 24.88
C ASN A 159 20.67 3.22 26.32
N LYS A 160 21.40 4.15 26.95
CA LYS A 160 21.81 4.04 28.34
C LYS A 160 22.69 2.80 28.57
N GLN A 161 23.77 2.72 27.80
CA GLN A 161 24.71 1.61 27.94
C GLN A 161 25.56 1.74 29.18
N ASP A 162 26.02 2.95 29.49
CA ASP A 162 26.85 3.15 30.67
C ASP A 162 26.09 2.83 31.95
N LEU A 163 24.83 3.26 32.03
CA LEU A 163 24.01 2.95 33.20
C LEU A 163 23.80 1.44 33.33
N LEU A 164 23.52 0.78 32.21
CA LEU A 164 23.31 -0.67 32.24
C LEU A 164 24.55 -1.39 32.74
N ALA A 165 25.72 -1.03 32.19
CA ALA A 165 26.96 -1.68 32.59
C ALA A 165 27.27 -1.43 34.07
N GLU A 166 27.14 -0.19 34.51
CA GLU A 166 27.44 0.14 35.90
C GLU A 166 26.51 -0.59 36.85
N LYS A 167 25.21 -0.64 36.53
CA LYS A 167 24.25 -1.24 37.44
C LYS A 167 24.34 -2.75 37.45
N VAL A 168 24.62 -3.39 36.31
CA VAL A 168 24.78 -4.84 36.29
C VAL A 168 26.08 -5.24 36.99
N LEU A 169 27.16 -4.50 36.76
CA LEU A 169 28.45 -4.86 37.35
C LEU A 169 28.40 -4.82 38.87
N ALA A 170 27.73 -3.82 39.44
CA ALA A 170 27.65 -3.70 40.89
C ALA A 170 26.79 -4.81 41.48
N GLY A 171 25.61 -5.04 40.91
CA GLY A 171 24.70 -6.04 41.42
C GLY A 171 23.43 -5.46 42.00
N LYS A 172 22.90 -6.11 43.03
CA LYS A 172 21.69 -5.70 43.75
C LYS A 172 20.46 -5.66 42.86
N SER A 173 20.53 -6.24 41.66
CA SER A 173 19.38 -6.28 40.76
C SER A 173 19.61 -7.43 39.78
N LYS A 174 18.79 -8.47 39.90
CA LYS A 174 18.94 -9.67 39.09
C LYS A 174 17.94 -9.66 37.93
N ILE A 175 18.44 -9.95 36.73
CA ILE A 175 17.57 -10.03 35.56
C ILE A 175 16.61 -11.21 35.67
N GLU A 176 17.01 -12.28 36.36
CA GLU A 176 16.17 -13.46 36.44
C GLU A 176 14.84 -13.19 37.14
N ASP A 177 14.80 -12.20 38.03
CA ASP A 177 13.55 -11.87 38.72
C ASP A 177 12.51 -11.36 37.74
N TYR A 178 12.91 -10.53 36.79
CA TYR A 178 11.98 -9.98 35.81
C TYR A 178 11.91 -10.81 34.53
N PHE A 179 13.02 -11.43 34.14
CA PHE A 179 13.06 -12.29 32.96
C PHE A 179 13.65 -13.63 33.35
N PRO A 180 12.81 -14.64 33.67
CA PRO A 180 13.31 -15.95 34.09
C PRO A 180 13.74 -16.85 32.94
N GLU A 181 14.49 -16.28 31.99
CA GLU A 181 15.13 -17.07 30.94
C GLU A 181 16.61 -16.77 30.79
N PHE A 182 17.17 -15.87 31.61
CA PHE A 182 18.58 -15.53 31.51
C PHE A 182 19.50 -16.70 31.86
N ALA A 183 19.00 -17.67 32.65
CA ALA A 183 19.85 -18.77 33.07
C ALA A 183 20.18 -19.73 31.93
N ARG A 184 19.32 -19.79 30.91
CA ARG A 184 19.51 -20.72 29.80
C ARG A 184 20.08 -20.06 28.56
N TYR A 185 20.55 -18.82 28.66
CA TYR A 185 21.08 -18.10 27.51
C TYR A 185 22.60 -18.07 27.55
N THR A 186 23.22 -18.25 26.39
CA THR A 186 24.67 -18.18 26.25
C THR A 186 25.03 -17.08 25.26
N THR A 187 26.23 -16.53 25.43
CA THR A 187 26.67 -15.44 24.57
C THR A 187 26.82 -15.93 23.13
N PRO A 188 26.42 -15.14 22.15
CA PRO A 188 26.59 -15.54 20.75
C PRO A 188 28.07 -15.55 20.35
N GLU A 189 28.40 -16.39 19.39
CA GLU A 189 29.77 -16.48 18.91
C GLU A 189 30.15 -15.28 18.05
N ASP A 190 29.18 -14.64 17.41
CA ASP A 190 29.45 -13.50 16.54
C ASP A 190 29.60 -12.19 17.31
N ALA A 191 29.40 -12.21 18.62
CA ALA A 191 29.50 -10.98 19.41
C ALA A 191 30.94 -10.46 19.39
N THR A 192 31.06 -9.13 19.28
CA THR A 192 32.35 -8.45 19.21
C THR A 192 32.40 -7.42 20.32
N PRO A 193 32.68 -7.85 21.56
CA PRO A 193 32.72 -6.89 22.68
C PRO A 193 33.91 -5.95 22.57
N GLU A 194 33.73 -4.75 23.13
CA GLU A 194 34.83 -3.82 23.26
C GLU A 194 35.85 -4.42 24.24
N PRO A 195 37.13 -4.47 23.85
CA PRO A 195 38.09 -5.33 24.57
C PRO A 195 38.19 -5.07 26.07
N GLY A 196 38.02 -3.82 26.50
CA GLY A 196 38.02 -3.55 27.92
C GLY A 196 36.63 -3.66 28.53
N GLU A 197 36.06 -4.85 28.49
CA GLU A 197 34.70 -5.06 28.99
C GLU A 197 34.60 -6.44 29.64
N ASP A 198 33.81 -6.50 30.71
CA ASP A 198 33.55 -7.76 31.40
C ASP A 198 32.48 -8.55 30.63
N PRO A 199 32.65 -9.86 30.46
CA PRO A 199 31.72 -10.61 29.60
C PRO A 199 30.26 -10.57 30.05
N ARG A 200 30.00 -10.38 31.35
CA ARG A 200 28.62 -10.44 31.83
C ARG A 200 27.75 -9.33 31.23
N VAL A 201 28.30 -8.11 31.13
CA VAL A 201 27.52 -7.02 30.56
C VAL A 201 27.26 -7.26 29.07
N THR A 202 28.24 -7.84 28.37
CA THR A 202 28.03 -8.20 26.97
C THR A 202 26.92 -9.22 26.83
N ARG A 203 26.93 -10.25 27.69
CA ARG A 203 25.87 -11.25 27.68
C ARG A 203 24.51 -10.60 27.93
N ALA A 204 24.44 -9.69 28.90
CA ALA A 204 23.18 -9.03 29.22
C ALA A 204 22.66 -8.21 28.04
N LYS A 205 23.52 -7.36 27.47
CA LYS A 205 23.06 -6.49 26.38
C LYS A 205 22.70 -7.31 25.15
N TYR A 206 23.41 -8.39 24.88
CA TYR A 206 23.07 -9.21 23.73
C TYR A 206 21.79 -9.99 23.95
N PHE A 207 21.49 -10.39 25.20
CA PHE A 207 20.20 -10.99 25.49
C PHE A 207 19.08 -9.97 25.24
N ILE A 208 19.30 -8.73 25.68
CA ILE A 208 18.31 -7.68 25.46
C ILE A 208 18.05 -7.47 23.98
N ARG A 209 19.13 -7.41 23.19
CA ARG A 209 18.97 -7.25 21.74
C ARG A 209 18.30 -8.48 21.12
N ASP A 210 18.65 -9.67 21.61
CA ASP A 210 18.13 -10.89 21.02
C ASP A 210 16.64 -11.02 21.23
N GLU A 211 16.11 -10.51 22.35
CA GLU A 211 14.65 -10.54 22.53
C GLU A 211 13.95 -9.73 21.44
N PHE A 212 14.43 -8.51 21.18
CA PHE A 212 13.86 -7.67 20.13
C PHE A 212 13.98 -8.35 18.77
N LEU A 213 15.15 -8.93 18.48
CA LEU A 213 15.33 -9.61 17.20
C LEU A 213 14.42 -10.83 17.08
N ARG A 214 14.17 -11.52 18.19
CA ARG A 214 13.26 -12.66 18.16
C ARG A 214 11.84 -12.21 17.86
N ILE A 215 11.41 -11.07 18.41
CA ILE A 215 10.10 -10.55 18.04
C ILE A 215 10.08 -10.15 16.57
N SER A 216 11.20 -9.64 16.04
CA SER A 216 11.23 -9.15 14.66
C SER A 216 11.10 -10.30 13.66
N THR A 217 11.89 -11.36 13.85
CA THR A 217 12.00 -12.41 12.83
C THR A 217 10.82 -13.37 12.82
N ALA A 218 9.92 -13.30 13.81
CA ALA A 218 8.77 -14.19 13.82
C ALA A 218 7.87 -13.96 12.62
N SER A 219 7.61 -12.71 12.29
CA SER A 219 6.78 -12.33 11.16
C SER A 219 7.59 -11.51 10.16
N GLY A 220 6.92 -11.00 9.13
CA GLY A 220 7.59 -10.23 8.11
C GLY A 220 7.90 -11.07 6.87
N ASP A 221 7.16 -10.83 5.79
CA ASP A 221 7.31 -11.62 4.57
C ASP A 221 8.35 -11.02 3.64
N GLY A 222 9.55 -10.78 4.16
CA GLY A 222 10.63 -10.23 3.36
C GLY A 222 10.34 -8.86 2.77
N ARG A 223 9.67 -8.00 3.52
CA ARG A 223 9.34 -6.66 3.06
C ARG A 223 9.88 -5.55 3.95
N HIS A 224 10.25 -5.85 5.18
CA HIS A 224 10.79 -4.84 6.08
C HIS A 224 11.66 -5.53 7.11
N TYR A 225 12.74 -4.85 7.51
CA TYR A 225 13.71 -5.41 8.43
C TYR A 225 14.06 -4.37 9.49
N CYS A 226 14.56 -4.85 10.62
CA CYS A 226 14.94 -4.03 11.75
C CYS A 226 16.46 -4.00 11.91
N TYR A 227 17.01 -2.80 12.12
CA TYR A 227 18.45 -2.61 12.23
C TYR A 227 18.81 -2.29 13.67
N PRO A 228 19.51 -3.17 14.39
CA PRO A 228 19.87 -2.88 15.78
C PRO A 228 21.16 -2.09 15.89
N HIS A 229 21.22 -1.26 16.94
CA HIS A 229 22.40 -0.47 17.23
C HIS A 229 22.53 -0.28 18.74
N PHE A 230 23.74 0.03 19.17
CA PHE A 230 24.03 0.38 20.56
C PHE A 230 24.45 1.85 20.63
N THR A 231 23.81 2.60 21.51
CA THR A 231 24.03 4.04 21.59
C THR A 231 24.13 4.47 23.05
N CYS A 232 25.06 5.35 23.33
CA CYS A 232 25.24 5.92 24.66
C CYS A 232 24.88 7.40 24.65
N ALA A 233 25.07 8.06 25.79
CA ALA A 233 24.72 9.48 25.89
C ALA A 233 25.66 10.36 25.09
N VAL A 234 26.95 10.06 25.12
CA VAL A 234 27.95 10.86 24.41
C VAL A 234 28.19 10.18 23.08
N ASP A 235 27.46 10.62 22.06
CA ASP A 235 27.54 10.04 20.72
C ASP A 235 27.48 11.17 19.70
N THR A 236 28.32 11.08 18.66
CA THR A 236 28.37 12.10 17.61
C THR A 236 28.38 11.52 16.21
N GLU A 237 28.08 10.23 16.06
CA GLU A 237 28.06 9.58 14.75
C GLU A 237 26.69 8.99 14.45
N ASN A 238 25.64 9.58 15.03
CA ASN A 238 24.30 9.02 14.88
C ASN A 238 23.68 9.33 13.52
N ALA A 239 24.00 10.48 12.92
CA ALA A 239 23.44 10.84 11.63
C ALA A 239 23.88 9.87 10.54
N ARG A 240 25.16 9.48 10.56
CA ARG A 240 25.66 8.55 9.56
C ARG A 240 24.96 7.21 9.64
N ARG A 241 24.56 6.78 10.84
CA ARG A 241 23.87 5.51 10.98
C ARG A 241 22.53 5.53 10.26
N ILE A 242 21.75 6.59 10.47
CA ILE A 242 20.49 6.74 9.74
C ILE A 242 20.74 6.87 8.25
N PHE A 243 21.86 7.51 7.88
CA PHE A 243 22.23 7.66 6.47
C PHE A 243 22.39 6.30 5.79
N ASN A 244 23.22 5.43 6.38
CA ASN A 244 23.42 4.10 5.81
C ASN A 244 22.16 3.26 5.88
N ASP A 245 21.38 3.37 6.96
CA ASP A 245 20.14 2.61 7.05
C ASP A 245 19.17 3.00 5.94
N CYS A 246 19.02 4.30 5.69
CA CYS A 246 18.16 4.76 4.61
C CYS A 246 18.66 4.29 3.26
N LYS A 247 19.98 4.31 3.06
CA LYS A 247 20.55 3.79 1.81
C LYS A 247 20.18 2.32 1.61
N ASP A 248 20.33 1.51 2.67
CA ASP A 248 20.01 0.09 2.56
C ASP A 248 18.53 -0.13 2.26
N ILE A 249 17.65 0.60 2.94
CA ILE A 249 16.22 0.44 2.70
C ILE A 249 15.86 0.84 1.28
N ILE A 250 16.42 1.94 0.80
CA ILE A 250 16.15 2.39 -0.57
C ILE A 250 16.60 1.36 -1.57
N LEU A 251 17.81 0.82 -1.39
CA LEU A 251 18.34 -0.17 -2.32
C LEU A 251 17.47 -1.42 -2.33
N GLN A 252 17.02 -1.87 -1.15
CA GLN A 252 16.17 -3.05 -1.11
C GLN A 252 14.85 -2.81 -1.82
N MET A 253 14.22 -1.66 -1.59
CA MET A 253 12.96 -1.37 -2.26
C MET A 253 13.15 -1.31 -3.77
N ASN A 254 14.24 -0.68 -4.23
CA ASN A 254 14.47 -0.58 -5.66
C ASN A 254 14.73 -1.95 -6.29
N LEU A 255 15.49 -2.80 -5.61
CA LEU A 255 15.73 -4.15 -6.12
C LEU A 255 14.46 -4.98 -6.16
N ARG A 256 13.55 -4.76 -5.20
CA ARG A 256 12.33 -5.56 -5.18
C ARG A 256 11.46 -5.31 -6.41
N GLU A 257 11.37 -4.05 -6.84
CA GLU A 257 10.47 -3.71 -7.94
C GLU A 257 11.03 -4.04 -9.32
N TYR A 258 12.31 -4.37 -9.42
CA TYR A 258 12.92 -4.76 -10.68
C TYR A 258 13.01 -6.26 -10.87
N ASN A 259 12.49 -7.05 -9.92
CA ASN A 259 12.55 -8.51 -9.97
C ASN A 259 13.99 -8.99 -10.15
N LEU A 260 14.85 -8.50 -9.27
CA LEU A 260 16.29 -8.67 -9.39
C LEU A 260 16.86 -9.12 -8.03
N VAL A 261 16.25 -10.15 -7.45
CA VAL A 261 16.64 -10.69 -6.15
C VAL A 261 16.53 -9.63 -5.07
N GLU B 9 -20.46 7.47 48.42
CA GLU B 9 -21.63 8.08 47.79
C GLU B 9 -21.75 7.65 46.32
N LEU B 10 -20.59 7.39 45.69
CA LEU B 10 -20.60 6.99 44.29
C LEU B 10 -21.28 5.64 44.09
N ASP B 11 -21.25 4.77 45.12
CA ASP B 11 -21.94 3.49 45.01
C ASP B 11 -23.45 3.68 44.92
N GLN B 12 -24.01 4.57 45.74
CA GLN B 12 -25.43 4.86 45.67
C GLN B 12 -25.80 5.48 44.33
N LEU B 13 -24.95 6.38 43.82
CA LEU B 13 -25.19 6.97 42.51
C LEU B 13 -25.19 5.90 41.43
N ARG B 14 -24.26 4.95 41.49
CA ARG B 14 -24.27 3.86 40.52
C ARG B 14 -25.49 2.97 40.67
N GLN B 15 -25.97 2.79 41.90
CA GLN B 15 -27.17 1.98 42.11
C GLN B 15 -28.39 2.64 41.47
N GLU B 16 -28.57 3.93 41.69
CA GLU B 16 -29.71 4.61 41.06
C GLU B 16 -29.51 4.73 39.55
N ALA B 17 -28.25 4.77 39.09
CA ALA B 17 -28.00 4.70 37.66
C ALA B 17 -28.44 3.36 37.09
N GLU B 18 -28.22 2.28 37.84
CA GLU B 18 -28.71 0.97 37.42
C GLU B 18 -30.24 0.94 37.39
N GLN B 19 -30.87 1.59 38.37
CA GLN B 19 -32.33 1.69 38.35
C GLN B 19 -32.81 2.44 37.11
N LEU B 20 -32.16 3.54 36.77
CA LEU B 20 -32.50 4.27 35.56
C LEU B 20 -32.24 3.43 34.31
N LYS B 21 -31.19 2.60 34.33
CA LYS B 21 -30.93 1.69 33.22
C LYS B 21 -32.06 0.69 33.07
N ASN B 22 -32.55 0.15 34.18
CA ASN B 22 -33.69 -0.76 34.12
C ASN B 22 -34.91 -0.05 33.54
N GLN B 23 -35.16 1.18 33.98
CA GLN B 23 -36.29 1.94 33.46
C GLN B 23 -36.17 2.18 31.96
N ILE B 24 -34.98 2.58 31.50
CA ILE B 24 -34.80 2.88 30.09
C ILE B 24 -34.87 1.61 29.25
N ARG B 25 -34.37 0.49 29.78
CA ARG B 25 -34.49 -0.78 29.06
C ARG B 25 -35.95 -1.20 28.95
N ASP B 26 -36.72 -1.01 30.02
CA ASP B 26 -38.15 -1.32 29.96
C ASP B 26 -38.86 -0.45 28.93
N ALA B 27 -38.52 0.84 28.89
CA ALA B 27 -39.11 1.74 27.89
C ALA B 27 -38.73 1.32 26.48
N ARG B 28 -37.46 0.96 26.27
CA ARG B 28 -37.01 0.52 24.96
C ARG B 28 -37.74 -0.74 24.51
N LYS B 29 -37.90 -1.70 25.42
CA LYS B 29 -38.62 -2.93 25.08
C LYS B 29 -40.09 -2.67 24.80
N ALA B 30 -40.72 -1.79 25.59
CA ALA B 30 -42.13 -1.51 25.40
C ALA B 30 -42.38 -0.73 24.11
N CYS B 31 -41.43 0.10 23.70
CA CYS B 31 -41.58 0.90 22.49
C CYS B 31 -41.26 0.11 21.22
N ALA B 32 -40.78 -1.12 21.35
CA ALA B 32 -40.44 -1.95 20.18
C ALA B 32 -41.70 -2.55 19.58
N ASP B 33 -41.70 -2.70 18.27
CA ASP B 33 -42.81 -3.29 17.53
C ASP B 33 -42.23 -4.15 16.42
N ALA B 34 -43.07 -4.50 15.45
CA ALA B 34 -42.61 -5.29 14.31
C ALA B 34 -41.50 -4.56 13.58
N THR B 35 -40.51 -5.33 13.13
CA THR B 35 -39.32 -4.74 12.51
C THR B 35 -39.67 -4.04 11.20
N LEU B 36 -38.88 -3.02 10.88
CA LEU B 36 -39.09 -2.25 9.65
C LEU B 36 -38.85 -3.11 8.41
N SER B 37 -38.10 -4.20 8.53
CA SER B 37 -37.89 -5.09 7.38
C SER B 37 -39.21 -5.71 6.92
N GLN B 38 -40.06 -6.12 7.87
CA GLN B 38 -41.30 -6.79 7.51
C GLN B 38 -42.24 -5.88 6.74
N ILE B 39 -42.21 -4.57 7.01
CA ILE B 39 -43.03 -3.64 6.25
C ILE B 39 -42.33 -3.17 4.98
N THR B 40 -41.00 -3.15 4.94
CA THR B 40 -40.29 -2.90 3.69
C THR B 40 -40.33 -4.08 2.74
N ASN B 41 -40.83 -5.24 3.18
CA ASN B 41 -41.00 -6.37 2.28
C ASN B 41 -41.82 -6.02 1.05
N ASN B 42 -42.76 -5.07 1.18
CA ASN B 42 -43.63 -4.73 0.06
C ASN B 42 -42.93 -3.87 -1.00
N ILE B 43 -41.80 -3.24 -0.66
CA ILE B 43 -41.12 -2.40 -1.65
C ILE B 43 -40.45 -3.29 -2.71
N ASP B 44 -40.18 -2.68 -3.87
CA ASP B 44 -39.53 -3.33 -4.99
C ASP B 44 -38.04 -3.00 -5.01
N PRO B 45 -37.20 -3.94 -5.45
CA PRO B 45 -35.76 -3.66 -5.55
C PRO B 45 -35.48 -2.56 -6.57
N VAL B 46 -34.46 -1.76 -6.26
CA VAL B 46 -34.08 -0.66 -7.14
C VAL B 46 -33.39 -1.18 -8.39
N GLY B 47 -32.45 -2.11 -8.23
CA GLY B 47 -31.64 -2.60 -9.32
C GLY B 47 -30.17 -2.25 -9.13
N ARG B 48 -29.39 -2.63 -10.14
CA ARG B 48 -27.94 -2.41 -10.11
C ARG B 48 -27.65 -0.99 -10.57
N ILE B 49 -27.13 -0.16 -9.66
CA ILE B 49 -26.76 1.22 -9.98
C ILE B 49 -25.27 1.20 -10.32
N GLN B 50 -24.97 1.26 -11.60
CA GLN B 50 -23.59 1.28 -12.07
C GLN B 50 -23.27 2.62 -12.71
N MET B 51 -22.21 3.26 -12.24
CA MET B 51 -21.74 4.52 -12.80
C MET B 51 -20.25 4.43 -13.09
N ARG B 52 -19.82 5.20 -14.07
CA ARG B 52 -18.44 5.16 -14.56
C ARG B 52 -17.73 6.46 -14.23
N THR B 53 -16.41 6.42 -14.33
CA THR B 53 -15.57 7.60 -14.04
C THR B 53 -15.69 8.57 -15.20
N ARG B 54 -16.52 9.60 -15.03
CA ARG B 54 -16.66 10.61 -16.07
C ARG B 54 -15.37 11.41 -16.26
N ARG B 55 -14.73 11.81 -15.16
CA ARG B 55 -13.50 12.58 -15.24
C ARG B 55 -12.57 12.17 -14.09
N THR B 56 -11.29 12.51 -14.25
CA THR B 56 -10.26 12.27 -13.25
C THR B 56 -9.48 13.55 -13.02
N LEU B 57 -9.15 13.82 -11.76
CA LEU B 57 -8.51 15.08 -11.36
C LEU B 57 -7.18 14.75 -10.70
N ARG B 58 -6.10 14.82 -11.46
CA ARG B 58 -4.76 14.58 -10.94
C ARG B 58 -4.02 15.89 -10.75
N GLY B 59 -2.93 15.82 -9.98
CA GLY B 59 -2.16 17.00 -9.64
C GLY B 59 -1.67 16.95 -8.21
N HIS B 60 -2.38 16.22 -7.35
CA HIS B 60 -1.93 16.03 -5.98
C HIS B 60 -0.71 15.13 -5.94
N LEU B 61 0.12 15.34 -4.92
CA LEU B 61 1.35 14.55 -4.78
C LEU B 61 1.17 13.42 -3.77
N ALA B 62 0.70 13.74 -2.57
CA ALA B 62 0.51 12.76 -1.51
C ALA B 62 -0.96 12.36 -1.44
N LYS B 63 -1.30 11.55 -0.43
CA LYS B 63 -2.65 11.02 -0.29
C LYS B 63 -3.64 12.12 0.05
N ILE B 64 -4.91 11.84 -0.22
CA ILE B 64 -6.02 12.75 0.05
C ILE B 64 -6.67 12.31 1.35
N TYR B 65 -6.88 13.26 2.26
CA TYR B 65 -7.45 12.97 3.57
C TYR B 65 -8.85 13.52 3.78
N ALA B 66 -9.24 14.56 3.04
CA ALA B 66 -10.57 15.15 3.21
C ALA B 66 -10.95 15.87 1.93
N MET B 67 -12.24 16.15 1.79
CA MET B 67 -12.79 16.83 0.63
C MET B 67 -14.20 17.31 0.97
N HIS B 68 -14.55 18.48 0.44
CA HIS B 68 -15.85 19.07 0.69
C HIS B 68 -16.30 19.81 -0.56
N TRP B 69 -17.61 19.79 -0.82
CA TRP B 69 -18.19 20.45 -1.97
C TRP B 69 -18.70 21.83 -1.59
N GLY B 70 -19.01 22.62 -2.63
CA GLY B 70 -19.60 23.93 -2.45
C GLY B 70 -21.11 23.89 -2.40
N THR B 71 -21.71 25.07 -2.43
CA THR B 71 -23.16 25.19 -2.39
C THR B 71 -23.79 25.22 -3.78
N ASP B 72 -23.01 25.51 -4.82
CA ASP B 72 -23.53 25.60 -6.19
C ASP B 72 -23.15 24.40 -7.05
N SER B 73 -22.63 23.33 -6.45
CA SER B 73 -22.33 22.08 -7.15
C SER B 73 -21.34 22.28 -8.30
N ARG B 74 -20.40 23.20 -8.15
CA ARG B 74 -19.41 23.46 -9.18
C ARG B 74 -17.97 23.38 -8.67
N LEU B 75 -17.72 23.86 -7.46
CA LEU B 75 -16.36 23.93 -6.91
C LEU B 75 -16.23 23.01 -5.72
N LEU B 76 -15.06 22.37 -5.59
CA LEU B 76 -14.77 21.51 -4.47
C LEU B 76 -13.36 21.78 -3.97
N VAL B 77 -13.13 21.51 -2.69
CA VAL B 77 -11.86 21.77 -2.02
C VAL B 77 -11.28 20.43 -1.56
N SER B 78 -9.97 20.27 -1.73
CA SER B 78 -9.28 19.04 -1.36
C SER B 78 -8.07 19.37 -0.51
N ALA B 79 -7.68 18.42 0.34
CA ALA B 79 -6.55 18.59 1.23
C ALA B 79 -5.66 17.35 1.18
N SER B 80 -4.35 17.57 1.25
CA SER B 80 -3.38 16.49 1.18
C SER B 80 -2.27 16.75 2.20
N GLN B 81 -1.49 15.70 2.47
CA GLN B 81 -0.42 15.78 3.45
C GLN B 81 0.83 16.47 2.92
N ASP B 82 0.87 16.80 1.63
CA ASP B 82 1.93 17.65 1.12
C ASP B 82 1.84 19.03 1.74
N GLY B 83 0.63 19.57 1.84
CA GLY B 83 0.43 20.91 2.36
C GLY B 83 -0.24 21.82 1.34
N LYS B 84 -1.02 21.22 0.45
CA LYS B 84 -1.66 21.94 -0.65
C LYS B 84 -3.17 21.86 -0.50
N LEU B 85 -3.82 23.01 -0.58
CA LEU B 85 -5.28 23.12 -0.54
C LEU B 85 -5.73 23.65 -1.90
N ILE B 86 -6.24 22.77 -2.74
CA ILE B 86 -6.55 23.08 -4.14
C ILE B 86 -8.05 23.23 -4.30
N ILE B 87 -8.48 24.27 -4.99
CA ILE B 87 -9.86 24.48 -5.38
C ILE B 87 -10.00 24.16 -6.86
N TRP B 88 -10.83 23.19 -7.20
CA TRP B 88 -10.94 22.69 -8.56
C TRP B 88 -12.22 23.21 -9.21
N ASP B 89 -12.36 22.91 -10.50
CA ASP B 89 -13.57 23.14 -11.27
C ASP B 89 -13.95 21.82 -11.93
N SER B 90 -15.06 21.22 -11.48
CA SER B 90 -15.42 19.89 -11.93
C SER B 90 -15.72 19.87 -13.43
N TYR B 91 -16.38 20.91 -13.94
CA TYR B 91 -16.76 20.93 -15.35
C TYR B 91 -15.55 21.01 -16.27
N THR B 92 -14.75 22.06 -16.12
CA THR B 92 -13.63 22.29 -17.02
C THR B 92 -12.40 21.46 -16.64
N THR B 93 -12.44 20.78 -15.50
CA THR B 93 -11.32 19.97 -15.00
C THR B 93 -10.03 20.79 -14.93
N ASN B 94 -10.15 22.02 -14.43
CA ASN B 94 -9.01 22.92 -14.29
C ASN B 94 -9.02 23.56 -12.90
N LYS B 95 -7.83 23.98 -12.46
CA LYS B 95 -7.65 24.53 -11.13
C LYS B 95 -7.79 26.04 -11.13
N VAL B 96 -8.13 26.58 -9.96
CA VAL B 96 -8.27 28.02 -9.79
C VAL B 96 -7.39 28.58 -8.68
N HIS B 97 -6.94 27.78 -7.73
CA HIS B 97 -6.13 28.27 -6.61
C HIS B 97 -5.29 27.13 -6.07
N ALA B 98 -4.25 27.50 -5.32
CA ALA B 98 -3.41 26.52 -4.64
C ALA B 98 -2.79 27.22 -3.44
N ILE B 99 -3.35 26.98 -2.26
CA ILE B 99 -2.95 27.67 -1.04
C ILE B 99 -1.88 26.84 -0.34
N PRO B 100 -0.67 27.36 -0.14
CA PRO B 100 0.31 26.65 0.67
C PRO B 100 -0.10 26.62 2.14
N LEU B 101 0.39 25.62 2.85
CA LEU B 101 0.00 25.38 4.23
C LEU B 101 1.21 25.45 5.16
N ARG B 102 0.94 25.74 6.43
CA ARG B 102 2.00 25.78 7.44
C ARG B 102 2.32 24.37 7.94
N SER B 103 1.32 23.69 8.50
CA SER B 103 1.49 22.33 8.98
C SER B 103 1.08 21.35 7.89
N SER B 104 1.97 20.39 7.59
CA SER B 104 1.72 19.45 6.51
C SER B 104 0.54 18.54 6.82
N TRP B 105 0.42 18.11 8.08
CA TRP B 105 -0.59 17.12 8.47
C TRP B 105 -1.93 17.81 8.65
N VAL B 106 -2.90 17.46 7.81
CA VAL B 106 -4.25 18.01 7.86
C VAL B 106 -5.24 16.87 7.66
N MET B 107 -6.32 16.89 8.44
CA MET B 107 -7.37 15.90 8.30
C MET B 107 -8.72 16.48 7.91
N THR B 108 -8.85 17.79 7.77
CA THR B 108 -10.14 18.39 7.54
C THR B 108 -10.02 19.59 6.62
N CYS B 109 -10.97 19.70 5.69
CA CYS B 109 -11.12 20.89 4.86
C CYS B 109 -12.61 21.22 4.80
N ALA B 110 -12.92 22.51 4.81
CA ALA B 110 -14.32 22.95 4.85
C ALA B 110 -14.53 24.10 3.88
N TYR B 111 -15.77 24.25 3.44
CA TYR B 111 -16.19 25.33 2.56
C TYR B 111 -17.32 26.10 3.21
N ALA B 112 -17.26 27.42 3.14
CA ALA B 112 -18.33 28.25 3.69
C ALA B 112 -19.62 28.06 2.89
N PRO B 113 -20.78 28.14 3.54
CA PRO B 113 -22.04 27.97 2.78
C PRO B 113 -22.30 29.05 1.76
N SER B 114 -21.73 30.24 1.93
CA SER B 114 -21.84 31.31 0.96
C SER B 114 -20.63 31.39 0.02
N GLY B 115 -19.66 30.50 0.18
CA GLY B 115 -18.52 30.43 -0.71
C GLY B 115 -17.56 31.60 -0.66
N ASN B 116 -17.21 32.07 0.54
CA ASN B 116 -16.22 33.12 0.70
C ASN B 116 -15.02 32.73 1.55
N TYR B 117 -15.13 31.68 2.37
CA TYR B 117 -14.04 31.25 3.22
C TYR B 117 -13.83 29.74 3.10
N VAL B 118 -12.61 29.31 3.40
CA VAL B 118 -12.25 27.90 3.46
C VAL B 118 -11.36 27.70 4.68
N ALA B 119 -11.66 26.67 5.47
CA ALA B 119 -10.95 26.40 6.71
C ALA B 119 -10.37 25.00 6.70
N CYS B 120 -9.31 24.82 7.48
CA CYS B 120 -8.63 23.52 7.57
C CYS B 120 -7.92 23.42 8.92
N GLY B 121 -7.58 22.20 9.29
CA GLY B 121 -6.89 21.95 10.54
C GLY B 121 -6.28 20.56 10.56
N GLY B 122 -5.54 20.29 11.63
CA GLY B 122 -4.89 19.00 11.78
C GLY B 122 -4.19 18.80 13.11
N LEU B 123 -3.00 18.20 13.08
CA LEU B 123 -2.26 17.90 14.30
C LEU B 123 -1.68 19.14 14.97
N ASP B 124 -1.72 20.30 14.31
CA ASP B 124 -1.18 21.52 14.88
C ASP B 124 -2.03 22.07 16.03
N ASN B 125 -3.22 21.49 16.26
CA ASN B 125 -4.16 21.85 17.31
C ASN B 125 -4.77 23.23 17.09
N ILE B 126 -4.72 23.75 15.86
CA ILE B 126 -5.29 25.06 15.55
C ILE B 126 -6.08 24.96 14.26
N CYS B 127 -7.09 25.81 14.13
CA CYS B 127 -7.92 25.90 12.93
C CYS B 127 -7.71 27.26 12.28
N SER B 128 -7.50 27.27 10.97
CA SER B 128 -7.18 28.48 10.23
C SER B 128 -8.34 28.87 9.32
N ILE B 129 -8.48 30.17 9.09
CA ILE B 129 -9.54 30.71 8.24
C ILE B 129 -8.89 31.51 7.11
N TYR B 130 -9.35 31.26 5.89
CA TYR B 130 -8.78 31.86 4.69
C TYR B 130 -9.80 32.76 4.00
N ASN B 131 -9.29 33.74 3.26
CA ASN B 131 -10.10 34.70 2.52
C ASN B 131 -10.05 34.37 1.04
N LEU B 132 -11.20 34.02 0.46
CA LEU B 132 -11.28 33.67 -0.95
C LEU B 132 -11.65 34.89 -1.80
N LYS B 133 -12.78 35.52 -1.49
CA LYS B 133 -13.22 36.69 -2.25
C LYS B 133 -12.51 37.94 -1.75
N THR B 134 -11.19 37.91 -1.71
CA THR B 134 -10.40 39.05 -1.27
C THR B 134 -10.24 40.06 -2.39
N ARG B 135 -10.03 41.32 -2.00
CA ARG B 135 -9.83 42.40 -2.95
C ARG B 135 -8.36 42.63 -3.28
N GLU B 136 -7.45 41.92 -2.63
CA GLU B 136 -6.02 42.05 -2.88
C GLU B 136 -5.49 41.02 -3.88
N GLY B 137 -6.34 40.13 -4.36
CA GLY B 137 -5.94 39.15 -5.35
C GLY B 137 -4.95 38.11 -4.88
N ASN B 138 -5.06 37.67 -3.63
CA ASN B 138 -4.19 36.63 -3.09
C ASN B 138 -4.79 36.12 -1.79
N VAL B 139 -4.73 34.80 -1.59
CA VAL B 139 -5.31 34.20 -0.40
C VAL B 139 -4.39 34.47 0.80
N ARG B 140 -4.99 34.95 1.89
CA ARG B 140 -4.26 35.24 3.11
C ARG B 140 -5.01 34.66 4.29
N VAL B 141 -4.26 34.39 5.37
CA VAL B 141 -4.86 33.85 6.58
C VAL B 141 -5.60 34.98 7.32
N SER B 142 -6.86 34.72 7.66
CA SER B 142 -7.69 35.72 8.33
C SER B 142 -7.60 35.60 9.85
N ARG B 143 -7.84 34.39 10.38
CA ARG B 143 -7.79 34.14 11.81
C ARG B 143 -7.14 32.79 12.07
N GLU B 144 -6.64 32.62 13.28
CA GLU B 144 -6.04 31.37 13.72
C GLU B 144 -6.69 30.97 15.04
N LEU B 145 -7.70 30.11 14.98
CA LEU B 145 -8.38 29.65 16.18
C LEU B 145 -7.48 28.72 16.97
N ALA B 146 -7.40 28.94 18.28
CA ALA B 146 -6.56 28.14 19.16
C ALA B 146 -7.26 27.96 20.50
N GLY B 147 -6.88 26.90 21.21
CA GLY B 147 -7.46 26.62 22.51
C GLY B 147 -7.69 25.15 22.77
N HIS B 148 -7.84 24.36 21.71
CA HIS B 148 -8.01 22.93 21.88
C HIS B 148 -6.69 22.28 22.29
N THR B 149 -6.80 21.12 22.95
CA THR B 149 -5.63 20.36 23.36
C THR B 149 -5.43 19.08 22.55
N GLY B 150 -6.49 18.57 21.92
CA GLY B 150 -6.38 17.44 21.03
C GLY B 150 -6.28 17.86 19.57
N TYR B 151 -6.17 16.87 18.70
CA TYR B 151 -6.05 17.10 17.28
C TYR B 151 -7.43 17.26 16.64
N LEU B 152 -7.51 18.11 15.62
CA LEU B 152 -8.77 18.40 14.97
C LEU B 152 -9.14 17.29 14.00
N SER B 153 -10.44 16.97 13.95
CA SER B 153 -10.91 15.89 13.09
C SER B 153 -12.01 16.36 12.14
N CYS B 154 -12.85 17.29 12.59
CA CYS B 154 -13.95 17.77 11.77
C CYS B 154 -14.38 19.15 12.25
N CYS B 155 -14.57 20.06 11.30
CA CYS B 155 -15.03 21.42 11.62
C CYS B 155 -15.90 21.91 10.47
N ARG B 156 -17.02 22.55 10.81
CA ARG B 156 -17.97 23.04 9.82
C ARG B 156 -18.43 24.45 10.19
N PHE B 157 -18.73 25.25 9.16
CA PHE B 157 -19.30 26.57 9.37
C PHE B 157 -20.79 26.45 9.69
N LEU B 158 -21.34 27.53 10.27
CA LEU B 158 -22.75 27.53 10.63
C LEU B 158 -23.58 28.46 9.76
N ASP B 159 -23.32 29.77 9.79
CA ASP B 159 -23.83 30.66 8.76
C ASP B 159 -22.71 31.45 8.08
N ASP B 160 -22.03 32.33 8.80
CA ASP B 160 -20.89 33.06 8.25
C ASP B 160 -19.80 33.27 9.29
N ASN B 161 -20.17 33.24 10.57
CA ASN B 161 -19.33 33.72 11.64
C ASN B 161 -19.10 32.74 12.77
N GLN B 162 -19.76 31.59 12.76
CA GLN B 162 -19.61 30.59 13.80
C GLN B 162 -19.21 29.26 13.18
N ILE B 163 -18.25 28.59 13.80
CA ILE B 163 -17.75 27.31 13.33
C ILE B 163 -17.72 26.34 14.50
N VAL B 164 -18.27 25.14 14.29
CA VAL B 164 -18.29 24.08 15.29
C VAL B 164 -17.17 23.10 14.97
N THR B 165 -16.30 22.84 15.94
CA THR B 165 -15.11 22.04 15.72
C THR B 165 -15.04 20.91 16.72
N SER B 166 -14.64 19.73 16.25
CA SER B 166 -14.50 18.54 17.07
C SER B 166 -13.03 18.11 17.11
N SER B 167 -12.60 17.61 18.26
CA SER B 167 -11.21 17.24 18.46
C SER B 167 -11.12 16.04 19.38
N GLY B 168 -9.92 15.46 19.44
CA GLY B 168 -9.64 14.28 20.24
C GLY B 168 -9.44 14.52 21.72
N ASP B 169 -9.68 15.74 22.19
CA ASP B 169 -9.57 16.07 23.60
C ASP B 169 -10.85 15.79 24.37
N THR B 170 -11.70 14.89 23.87
CA THR B 170 -12.95 14.46 24.49
C THR B 170 -13.99 15.58 24.57
N THR B 171 -13.78 16.70 23.88
CA THR B 171 -14.70 17.82 23.96
C THR B 171 -14.94 18.40 22.57
N CYS B 172 -16.09 19.04 22.40
CA CYS B 172 -16.43 19.78 21.21
C CYS B 172 -16.83 21.21 21.61
N ALA B 173 -16.38 22.19 20.83
CA ALA B 173 -16.59 23.58 21.17
C ALA B 173 -17.09 24.36 19.96
N LEU B 174 -17.79 25.44 20.24
CA LEU B 174 -18.31 26.36 19.23
C LEU B 174 -17.63 27.71 19.41
N TRP B 175 -17.13 28.27 18.31
CA TRP B 175 -16.39 29.53 18.33
C TRP B 175 -17.15 30.60 17.58
N ASP B 176 -16.61 31.81 17.61
CA ASP B 176 -17.05 32.91 16.76
C ASP B 176 -15.81 33.57 16.15
N ILE B 177 -15.87 33.80 14.84
CA ILE B 177 -14.67 34.22 14.11
C ILE B 177 -14.28 35.64 14.47
N GLU B 178 -15.26 36.49 14.81
CA GLU B 178 -14.99 37.91 15.00
C GLU B 178 -14.00 38.15 16.13
N THR B 179 -14.18 37.48 17.27
CA THR B 179 -13.30 37.65 18.41
C THR B 179 -12.50 36.41 18.76
N GLY B 180 -12.81 35.26 18.16
CA GLY B 180 -12.03 34.05 18.38
C GLY B 180 -12.07 33.51 19.80
N GLN B 181 -13.25 33.47 20.41
CA GLN B 181 -13.41 32.94 21.76
C GLN B 181 -14.50 31.87 21.75
N GLN B 182 -14.31 30.87 22.61
CA GLN B 182 -15.27 29.77 22.71
C GLN B 182 -16.52 30.24 23.44
N THR B 183 -17.63 30.34 22.71
CA THR B 183 -18.89 30.76 23.32
C THR B 183 -19.45 29.67 24.23
N THR B 184 -19.44 28.42 23.77
CA THR B 184 -19.95 27.31 24.54
C THR B 184 -19.09 26.07 24.29
N THR B 185 -19.06 25.19 25.28
CA THR B 185 -18.26 23.97 25.22
C THR B 185 -19.10 22.80 25.68
N PHE B 186 -18.98 21.67 24.97
CA PHE B 186 -19.73 20.46 25.26
C PHE B 186 -18.80 19.39 25.80
N THR B 187 -19.22 18.72 26.87
CA THR B 187 -18.40 17.70 27.50
C THR B 187 -19.32 16.59 28.03
N GLY B 188 -19.52 15.56 27.20
CA GLY B 188 -20.29 14.40 27.61
C GLY B 188 -19.64 13.09 27.23
N HIS B 189 -18.59 13.16 26.41
CA HIS B 189 -17.94 11.98 25.86
C HIS B 189 -16.83 11.49 26.78
N THR B 190 -16.31 10.30 26.45
CA THR B 190 -15.18 9.73 27.15
C THR B 190 -14.08 9.22 26.24
N GLY B 191 -14.32 9.13 24.94
CA GLY B 191 -13.33 8.71 23.96
C GLY B 191 -12.82 9.87 23.14
N ASP B 192 -12.59 9.62 21.84
CA ASP B 192 -12.12 10.64 20.91
C ASP B 192 -13.14 10.80 19.81
N VAL B 193 -13.72 11.99 19.69
CA VAL B 193 -14.73 12.25 18.68
C VAL B 193 -14.05 12.39 17.33
N MET B 194 -14.76 12.01 16.25
CA MET B 194 -14.17 11.96 14.93
C MET B 194 -15.03 12.54 13.82
N SER B 195 -16.31 12.81 14.05
CA SER B 195 -17.17 13.22 12.95
C SER B 195 -18.25 14.17 13.46
N LEU B 196 -18.78 14.95 12.53
CA LEU B 196 -19.86 15.88 12.80
C LEU B 196 -20.77 15.96 11.58
N SER B 197 -22.04 16.27 11.82
CA SER B 197 -23.00 16.42 10.72
C SER B 197 -24.15 17.29 11.21
N LEU B 198 -24.23 18.52 10.70
CA LEU B 198 -25.25 19.46 11.12
C LEU B 198 -26.60 19.09 10.51
N ALA B 199 -27.66 19.29 11.29
CA ALA B 199 -29.00 18.97 10.82
C ALA B 199 -29.46 20.01 9.80
N PRO B 200 -30.37 19.61 8.89
CA PRO B 200 -30.86 20.58 7.90
C PRO B 200 -31.53 21.80 8.51
N ASP B 201 -32.23 21.64 9.65
CA ASP B 201 -32.84 22.80 10.29
C ASP B 201 -31.82 23.71 10.96
N THR B 202 -30.55 23.30 11.02
CA THR B 202 -29.46 24.12 11.55
C THR B 202 -29.73 24.51 13.01
N ARG B 203 -30.17 23.52 13.80
CA ARG B 203 -30.41 23.71 15.22
C ARG B 203 -29.65 22.73 16.10
N LEU B 204 -29.40 21.52 15.63
CA LEU B 204 -28.75 20.48 16.41
C LEU B 204 -27.65 19.81 15.59
N PHE B 205 -26.65 19.28 16.29
CA PHE B 205 -25.57 18.54 15.64
C PHE B 205 -25.29 17.26 16.40
N VAL B 206 -24.90 16.23 15.67
CA VAL B 206 -24.61 14.91 16.25
C VAL B 206 -23.11 14.65 16.14
N SER B 207 -22.62 13.77 17.01
CA SER B 207 -21.21 13.44 17.06
C SER B 207 -21.03 11.97 17.38
N GLY B 208 -19.88 11.43 17.00
CA GLY B 208 -19.53 10.06 17.29
C GLY B 208 -18.07 9.93 17.72
N ALA B 209 -17.81 9.16 18.76
CA ALA B 209 -16.48 9.07 19.34
C ALA B 209 -15.99 7.62 19.33
N CYS B 210 -14.84 7.41 19.95
CA CYS B 210 -14.22 6.09 20.05
C CYS B 210 -14.76 5.26 21.21
N ASP B 211 -15.92 5.64 21.76
CA ASP B 211 -16.55 4.90 22.84
C ASP B 211 -17.79 4.15 22.37
N ALA B 212 -17.95 3.97 21.06
CA ALA B 212 -19.07 3.23 20.48
C ALA B 212 -20.42 3.84 20.91
N SER B 213 -20.51 5.16 20.81
CA SER B 213 -21.74 5.85 21.19
C SER B 213 -21.85 7.13 20.35
N ALA B 214 -23.08 7.62 20.25
CA ALA B 214 -23.37 8.86 19.54
C ALA B 214 -24.12 9.80 20.46
N LYS B 215 -23.83 11.09 20.34
CA LYS B 215 -24.40 12.12 21.20
C LYS B 215 -25.04 13.21 20.35
N LEU B 216 -26.27 13.59 20.71
CA LEU B 216 -26.98 14.69 20.08
C LEU B 216 -26.96 15.90 21.00
N TRP B 217 -26.49 17.02 20.46
CA TRP B 217 -26.31 18.24 21.25
C TRP B 217 -27.24 19.34 20.73
N ASP B 218 -27.41 20.36 21.56
CA ASP B 218 -28.16 21.56 21.21
C ASP B 218 -27.28 22.78 21.46
N VAL B 219 -27.26 23.70 20.50
CA VAL B 219 -26.27 24.77 20.51
C VAL B 219 -26.50 25.73 21.67
N ARG B 220 -27.75 26.17 21.87
CA ARG B 220 -28.02 27.18 22.88
C ARG B 220 -27.94 26.60 24.29
N GLU B 221 -28.75 25.60 24.58
CA GLU B 221 -28.77 25.02 25.92
C GLU B 221 -27.44 24.36 26.27
N GLY B 222 -26.81 23.70 25.30
CA GLY B 222 -25.51 23.11 25.52
C GLY B 222 -25.50 21.80 26.27
N MET B 223 -26.64 21.11 26.32
CA MET B 223 -26.74 19.82 27.00
C MET B 223 -26.98 18.71 25.98
N CYS B 224 -26.59 17.50 26.35
CA CYS B 224 -26.79 16.32 25.50
C CYS B 224 -28.23 15.86 25.65
N ARG B 225 -29.01 15.98 24.57
CA ARG B 225 -30.42 15.61 24.64
C ARG B 225 -30.60 14.11 24.83
N GLN B 226 -29.86 13.30 24.08
CA GLN B 226 -30.03 11.86 24.14
C GLN B 226 -28.73 11.18 23.71
N THR B 227 -28.60 9.92 24.08
CA THR B 227 -27.39 9.12 23.83
C THR B 227 -27.79 7.80 23.19
N PHE B 228 -27.03 7.38 22.18
CA PHE B 228 -27.31 6.17 21.44
C PHE B 228 -26.14 5.20 21.54
N THR B 229 -26.46 3.92 21.77
CA THR B 229 -25.49 2.85 21.80
C THR B 229 -25.95 1.75 20.85
N GLY B 230 -25.09 0.75 20.66
CA GLY B 230 -25.41 -0.35 19.77
C GLY B 230 -24.28 -0.71 18.83
N HIS B 231 -23.09 -0.17 19.07
CA HIS B 231 -21.92 -0.49 18.29
C HIS B 231 -20.86 -1.12 19.17
N GLU B 232 -19.98 -1.91 18.55
CA GLU B 232 -18.96 -2.65 19.28
C GLU B 232 -17.65 -1.86 19.37
N SER B 233 -17.06 -1.55 18.23
CA SER B 233 -15.79 -0.82 18.19
C SER B 233 -16.05 0.67 18.03
N ASP B 234 -14.99 1.43 17.73
CA ASP B 234 -15.08 2.88 17.61
C ASP B 234 -15.78 3.29 16.32
N ILE B 235 -16.33 4.50 16.33
CA ILE B 235 -17.08 5.07 15.21
C ILE B 235 -16.14 5.94 14.39
N ASN B 236 -16.26 5.86 13.06
CA ASN B 236 -15.35 6.56 12.16
C ASN B 236 -16.01 7.61 11.28
N ALA B 237 -17.28 7.45 10.94
CA ALA B 237 -17.93 8.42 10.06
C ALA B 237 -19.41 8.52 10.43
N ILE B 238 -19.96 9.73 10.32
CA ILE B 238 -21.35 10.00 10.63
C ILE B 238 -21.93 10.88 9.52
N CYS B 239 -23.25 10.90 9.44
CA CYS B 239 -23.94 11.73 8.45
C CYS B 239 -25.29 12.13 9.05
N PHE B 240 -26.20 12.59 8.19
CA PHE B 240 -27.52 12.99 8.62
C PHE B 240 -28.52 12.63 7.52
N PHE B 241 -29.80 12.87 7.79
CA PHE B 241 -30.89 12.65 6.86
C PHE B 241 -31.49 14.00 6.47
N PRO B 242 -31.96 14.14 5.22
CA PRO B 242 -32.56 15.42 4.81
C PRO B 242 -33.75 15.82 5.66
N ASN B 243 -34.52 14.86 6.15
CA ASN B 243 -35.63 15.18 7.05
C ASN B 243 -35.13 15.75 8.37
N GLY B 244 -34.01 15.23 8.87
CA GLY B 244 -33.49 15.65 10.16
C GLY B 244 -33.93 14.81 11.33
N ASN B 245 -34.47 13.62 11.08
CA ASN B 245 -34.94 12.74 12.15
C ASN B 245 -34.12 11.47 12.30
N ALA B 246 -33.10 11.27 11.47
CA ALA B 246 -32.33 10.04 11.52
C ALA B 246 -30.92 10.29 11.00
N PHE B 247 -30.04 9.34 11.28
CA PHE B 247 -28.65 9.41 10.81
C PHE B 247 -28.06 8.01 10.84
N ALA B 248 -26.94 7.85 10.14
CA ALA B 248 -26.25 6.58 10.01
C ALA B 248 -24.80 6.73 10.42
N THR B 249 -24.23 5.65 10.95
CA THR B 249 -22.87 5.66 11.47
C THR B 249 -22.08 4.48 10.92
N GLY B 250 -20.77 4.68 10.80
CA GLY B 250 -19.87 3.62 10.39
C GLY B 250 -18.82 3.39 11.45
N SER B 251 -18.34 2.16 11.52
CA SER B 251 -17.43 1.74 12.58
C SER B 251 -16.42 0.74 12.04
N ASP B 252 -15.36 0.53 12.82
CA ASP B 252 -14.39 -0.52 12.52
C ASP B 252 -14.95 -1.91 12.71
N ASP B 253 -16.14 -2.03 13.31
CA ASP B 253 -16.84 -3.31 13.39
C ASP B 253 -17.30 -3.78 12.02
N ALA B 254 -17.22 -2.91 11.01
CA ALA B 254 -17.54 -3.22 9.61
C ALA B 254 -19.05 -3.42 9.42
N THR B 255 -19.84 -2.72 10.24
CA THR B 255 -21.28 -2.72 10.09
C THR B 255 -21.79 -1.30 10.17
N CYS B 256 -22.85 -1.02 9.40
CA CYS B 256 -23.50 0.27 9.41
C CYS B 256 -24.89 0.14 10.02
N ARG B 257 -25.28 1.13 10.82
CA ARG B 257 -26.55 1.11 11.52
C ARG B 257 -27.22 2.47 11.37
N LEU B 258 -28.55 2.49 11.48
CA LEU B 258 -29.34 3.70 11.34
C LEU B 258 -30.08 3.95 12.65
N PHE B 259 -29.95 5.16 13.18
CA PHE B 259 -30.56 5.55 14.45
C PHE B 259 -31.64 6.58 14.21
N ASP B 260 -32.73 6.48 14.98
CA ASP B 260 -33.85 7.41 14.88
C ASP B 260 -34.02 8.12 16.22
N LEU B 261 -34.03 9.45 16.19
CA LEU B 261 -34.17 10.23 17.41
C LEU B 261 -35.60 10.20 17.95
N ARG B 262 -36.59 10.08 17.07
CA ARG B 262 -37.99 10.04 17.50
C ARG B 262 -38.26 8.82 18.37
N ALA B 263 -37.75 7.65 17.98
CA ALA B 263 -37.94 6.43 18.74
C ALA B 263 -36.82 6.15 19.73
N ASP B 264 -35.69 6.85 19.62
CA ASP B 264 -34.56 6.69 20.53
C ASP B 264 -34.07 5.25 20.57
N GLN B 265 -34.01 4.60 19.41
CA GLN B 265 -33.59 3.21 19.31
C GLN B 265 -32.87 3.02 17.99
N GLU B 266 -32.61 1.75 17.66
CA GLU B 266 -32.00 1.35 16.40
C GLU B 266 -33.05 0.71 15.50
N LEU B 267 -32.88 0.87 14.19
CA LEU B 267 -33.85 0.36 13.22
C LEU B 267 -33.24 -0.72 12.33
N MET B 268 -32.11 -0.45 11.68
CA MET B 268 -31.54 -1.37 10.70
C MET B 268 -30.04 -1.53 10.92
N THR B 269 -29.51 -2.65 10.44
CA THR B 269 -28.09 -2.92 10.41
C THR B 269 -27.70 -3.31 8.99
N TYR B 270 -26.48 -2.95 8.59
CA TYR B 270 -25.99 -3.18 7.24
C TYR B 270 -24.64 -3.87 7.33
N SER B 271 -24.62 -5.18 7.07
CA SER B 271 -23.39 -5.94 7.10
C SER B 271 -23.54 -7.18 6.23
N HIS B 272 -22.39 -7.74 5.85
CA HIS B 272 -22.35 -8.98 5.09
C HIS B 272 -21.23 -9.83 5.67
N ASP B 273 -21.41 -11.16 5.60
CA ASP B 273 -20.46 -12.06 6.24
C ASP B 273 -19.13 -12.15 5.51
N ASN B 274 -19.00 -11.57 4.33
CA ASN B 274 -17.77 -11.63 3.56
C ASN B 274 -16.94 -10.36 3.65
N ILE B 275 -17.28 -9.44 4.55
CA ILE B 275 -16.57 -8.18 4.73
C ILE B 275 -15.82 -8.24 6.06
N ILE B 276 -14.54 -7.86 6.02
CA ILE B 276 -13.70 -7.83 7.22
C ILE B 276 -13.27 -6.42 7.58
N CYS B 277 -12.91 -5.61 6.58
CA CYS B 277 -12.45 -4.25 6.85
C CYS B 277 -13.63 -3.34 7.18
N GLY B 278 -13.34 -2.29 7.96
CA GLY B 278 -14.36 -1.40 8.45
C GLY B 278 -14.69 -0.27 7.48
N ILE B 279 -15.66 0.54 7.89
CA ILE B 279 -16.11 1.68 7.09
C ILE B 279 -15.23 2.88 7.40
N THR B 280 -14.97 3.70 6.38
CA THR B 280 -14.18 4.91 6.54
C THR B 280 -14.91 6.19 6.16
N SER B 281 -16.04 6.11 5.48
CA SER B 281 -16.82 7.29 5.13
C SER B 281 -18.24 6.88 4.79
N VAL B 282 -19.19 7.77 5.09
CA VAL B 282 -20.59 7.57 4.77
C VAL B 282 -21.13 8.87 4.18
N SER B 283 -22.01 8.75 3.19
CA SER B 283 -22.58 9.91 2.52
C SER B 283 -23.93 9.55 1.94
N PHE B 284 -24.98 10.23 2.38
CA PHE B 284 -26.32 9.97 1.89
C PHE B 284 -26.53 10.64 0.53
N SER B 285 -27.58 10.20 -0.16
CA SER B 285 -27.96 10.76 -1.45
C SER B 285 -28.98 11.89 -1.23
N LYS B 286 -29.63 12.33 -2.30
CA LYS B 286 -30.58 13.43 -2.23
C LYS B 286 -31.93 12.99 -1.67
N SER B 287 -32.56 11.99 -2.30
CA SER B 287 -33.88 11.56 -1.86
C SER B 287 -33.83 10.74 -0.58
N GLY B 288 -32.67 10.22 -0.21
CA GLY B 288 -32.54 9.42 0.99
C GLY B 288 -32.74 7.94 0.81
N ARG B 289 -32.79 7.45 -0.43
CA ARG B 289 -32.91 6.02 -0.68
C ARG B 289 -31.58 5.34 -0.92
N LEU B 290 -30.65 6.01 -1.59
CA LEU B 290 -29.34 5.46 -1.90
C LEU B 290 -28.35 5.84 -0.80
N LEU B 291 -27.70 4.84 -0.23
CA LEU B 291 -26.69 5.05 0.81
C LEU B 291 -25.33 4.62 0.29
N LEU B 292 -24.36 5.51 0.37
CA LEU B 292 -23.01 5.28 -0.13
C LEU B 292 -22.04 5.17 1.03
N ALA B 293 -21.14 4.18 0.95
CA ALA B 293 -20.17 3.93 2.01
C ALA B 293 -18.81 3.65 1.40
N GLY B 294 -17.77 3.90 2.18
CA GLY B 294 -16.41 3.64 1.75
C GLY B 294 -15.69 2.66 2.67
N TYR B 295 -15.09 1.63 2.10
CA TYR B 295 -14.42 0.58 2.85
C TYR B 295 -12.92 0.63 2.61
N ASP B 296 -12.21 -0.34 3.19
CA ASP B 296 -10.76 -0.42 3.11
C ASP B 296 -10.27 -1.54 2.21
N ASP B 297 -11.16 -2.12 1.40
CA ASP B 297 -10.78 -3.14 0.43
C ASP B 297 -10.32 -2.54 -0.88
N PHE B 298 -9.83 -1.30 -0.86
CA PHE B 298 -9.43 -0.57 -2.06
C PHE B 298 -10.57 -0.46 -3.06
N ASN B 299 -11.79 -0.24 -2.54
CA ASN B 299 -12.96 -0.05 -3.37
C ASN B 299 -14.02 0.68 -2.54
N CYS B 300 -15.22 0.81 -3.10
CA CYS B 300 -16.34 1.43 -2.41
C CYS B 300 -17.53 0.50 -2.40
N ASN B 301 -18.68 1.00 -1.97
CA ASN B 301 -19.89 0.18 -1.95
C ASN B 301 -21.11 1.09 -2.03
N VAL B 302 -22.21 0.51 -2.48
CA VAL B 302 -23.48 1.20 -2.59
C VAL B 302 -24.55 0.35 -1.94
N TRP B 303 -25.35 0.97 -1.07
CA TRP B 303 -26.35 0.25 -0.30
C TRP B 303 -27.72 0.88 -0.48
N ASP B 304 -28.74 0.04 -0.36
CA ASP B 304 -30.11 0.51 -0.27
C ASP B 304 -30.42 0.81 1.19
N ALA B 305 -30.80 2.05 1.48
CA ALA B 305 -31.03 2.44 2.86
C ALA B 305 -32.28 1.77 3.42
N LEU B 306 -33.36 1.74 2.64
CA LEU B 306 -34.63 1.21 3.13
C LEU B 306 -34.57 -0.31 3.26
N LYS B 307 -34.05 -0.99 2.25
CA LYS B 307 -33.80 -2.42 2.31
C LYS B 307 -32.40 -2.64 2.90
N ALA B 308 -31.86 -3.85 2.76
CA ALA B 308 -30.51 -4.14 3.23
C ALA B 308 -29.59 -4.70 2.15
N ASP B 309 -30.12 -5.05 0.98
CA ASP B 309 -29.31 -5.71 -0.06
C ASP B 309 -28.25 -4.76 -0.61
N ARG B 310 -27.05 -5.30 -0.82
CA ARG B 310 -25.96 -4.56 -1.44
C ARG B 310 -26.13 -4.59 -2.95
N ALA B 311 -26.41 -3.43 -3.55
CA ALA B 311 -26.65 -3.30 -4.98
C ALA B 311 -25.76 -2.20 -5.54
N GLY B 312 -24.63 -2.60 -6.13
CA GLY B 312 -23.72 -1.63 -6.73
C GLY B 312 -22.39 -1.61 -6.03
N VAL B 313 -21.32 -1.82 -6.80
CA VAL B 313 -19.97 -1.83 -6.25
C VAL B 313 -19.06 -0.97 -7.12
N LEU B 314 -18.75 0.23 -6.64
CA LEU B 314 -17.79 1.09 -7.33
C LEU B 314 -16.38 0.58 -7.11
N ALA B 315 -15.52 0.73 -8.12
CA ALA B 315 -14.15 0.28 -8.03
C ALA B 315 -13.29 1.11 -8.97
N GLY B 316 -11.98 1.06 -8.74
CA GLY B 316 -11.04 1.77 -9.59
C GLY B 316 -9.86 2.37 -8.86
N HIS B 317 -9.93 2.41 -7.53
CA HIS B 317 -8.85 2.97 -6.73
C HIS B 317 -7.83 1.90 -6.36
N ASP B 318 -6.58 2.31 -6.25
CA ASP B 318 -5.49 1.41 -5.92
C ASP B 318 -5.18 1.37 -4.42
N ASN B 319 -5.77 2.26 -3.62
CA ASN B 319 -5.55 2.30 -2.18
C ASN B 319 -6.90 2.49 -1.49
N ARG B 320 -6.86 2.70 -0.18
CA ARG B 320 -8.09 2.86 0.58
C ARG B 320 -8.74 4.21 0.29
N VAL B 321 -10.06 4.22 0.20
CA VAL B 321 -10.78 5.47 0.02
C VAL B 321 -10.78 6.25 1.33
N SER B 322 -10.97 7.56 1.24
CA SER B 322 -10.85 8.42 2.40
C SER B 322 -12.06 9.32 2.60
N CYS B 323 -12.66 9.80 1.51
CA CYS B 323 -13.74 10.76 1.62
C CYS B 323 -14.83 10.44 0.62
N LEU B 324 -16.03 10.93 0.90
CA LEU B 324 -17.17 10.76 0.02
C LEU B 324 -18.03 12.02 0.09
N GLY B 325 -18.61 12.38 -1.05
CA GLY B 325 -19.40 13.60 -1.11
C GLY B 325 -20.51 13.56 -2.14
N VAL B 326 -21.72 13.92 -1.72
CA VAL B 326 -22.87 14.06 -2.61
C VAL B 326 -23.26 15.53 -2.65
N THR B 327 -23.39 16.07 -3.85
CA THR B 327 -23.67 17.49 -4.01
C THR B 327 -25.16 17.77 -3.79
N ASP B 328 -25.49 19.07 -3.72
CA ASP B 328 -26.86 19.48 -3.43
C ASP B 328 -27.83 18.99 -4.51
N ASP B 329 -27.46 19.14 -5.77
CA ASP B 329 -28.29 18.65 -6.87
C ASP B 329 -28.26 17.14 -6.99
N GLY B 330 -27.34 16.47 -6.32
CA GLY B 330 -27.24 15.02 -6.41
C GLY B 330 -26.89 14.52 -7.79
N MET B 331 -26.02 15.24 -8.50
CA MET B 331 -25.65 14.90 -9.86
C MET B 331 -24.27 14.27 -9.97
N ALA B 332 -23.47 14.30 -8.89
CA ALA B 332 -22.14 13.72 -8.95
C ALA B 332 -21.72 13.26 -7.56
N VAL B 333 -20.78 12.31 -7.54
CA VAL B 333 -20.20 11.80 -6.31
C VAL B 333 -18.69 11.81 -6.47
N ALA B 334 -18.00 12.41 -5.51
CA ALA B 334 -16.55 12.52 -5.52
C ALA B 334 -15.95 11.56 -4.51
N THR B 335 -14.93 10.82 -4.93
CA THR B 335 -14.28 9.83 -4.10
C THR B 335 -12.78 10.09 -4.07
N GLY B 336 -12.22 10.23 -2.87
CA GLY B 336 -10.79 10.42 -2.70
C GLY B 336 -10.17 9.20 -2.06
N SER B 337 -8.91 8.95 -2.40
CA SER B 337 -8.21 7.77 -1.90
C SER B 337 -6.72 8.07 -1.81
N TRP B 338 -6.01 7.20 -1.10
CA TRP B 338 -4.59 7.38 -0.86
C TRP B 338 -3.73 7.22 -2.12
N ASP B 339 -4.30 7.04 -3.31
CA ASP B 339 -3.51 7.03 -4.54
C ASP B 339 -3.26 8.42 -5.10
N SER B 340 -3.60 9.47 -4.34
CA SER B 340 -3.39 10.86 -4.74
C SER B 340 -4.23 11.25 -5.95
N PHE B 341 -5.40 10.64 -6.12
CA PHE B 341 -6.28 10.89 -7.25
C PHE B 341 -7.69 11.20 -6.77
N LEU B 342 -8.43 11.87 -7.63
CA LEU B 342 -9.83 12.21 -7.38
C LEU B 342 -10.64 11.85 -8.61
N LYS B 343 -11.82 11.26 -8.39
CA LYS B 343 -12.69 10.84 -9.47
C LYS B 343 -14.10 11.37 -9.23
N ILE B 344 -14.84 11.53 -10.33
CA ILE B 344 -16.20 12.02 -10.29
C ILE B 344 -17.10 10.99 -10.96
N TRP B 345 -18.13 10.55 -10.25
CA TRP B 345 -19.04 9.52 -10.73
C TRP B 345 -20.41 10.11 -11.01
N ASN B 346 -21.05 9.60 -12.06
CA ASN B 346 -22.39 10.07 -12.43
C ASN B 346 -23.24 8.91 -12.92
N THR C 6 -14.94 14.67 45.62
CA THR C 6 -16.02 15.62 45.36
C THR C 6 -16.23 15.80 43.86
N ALA C 7 -15.13 16.01 43.12
CA ALA C 7 -15.23 16.16 41.67
C ALA C 7 -15.75 14.89 41.02
N SER C 8 -15.27 13.72 41.48
CA SER C 8 -15.78 12.45 40.96
C SER C 8 -17.26 12.28 41.30
N ILE C 9 -17.65 12.68 42.51
CA ILE C 9 -19.06 12.60 42.90
C ILE C 9 -19.91 13.50 42.01
N ALA C 10 -19.43 14.72 41.73
CA ALA C 10 -20.18 15.62 40.86
C ALA C 10 -20.29 15.07 39.44
N GLN C 11 -19.21 14.50 38.92
CA GLN C 11 -19.25 13.90 37.60
C GLN C 11 -20.23 12.72 37.55
N ALA C 12 -20.22 11.88 38.59
CA ALA C 12 -21.16 10.78 38.65
C ALA C 12 -22.60 11.27 38.73
N ARG C 13 -22.84 12.34 39.49
CA ARG C 13 -24.18 12.91 39.57
C ARG C 13 -24.63 13.44 38.22
N LYS C 14 -23.74 14.12 37.50
CA LYS C 14 -24.09 14.59 36.15
C LYS C 14 -24.40 13.43 35.23
N LEU C 15 -23.60 12.36 35.29
CA LEU C 15 -23.83 11.21 34.42
C LEU C 15 -25.17 10.54 34.71
N VAL C 16 -25.47 10.32 35.99
CA VAL C 16 -26.73 9.68 36.34
C VAL C 16 -27.91 10.58 35.99
N GLU C 17 -27.75 11.90 36.13
CA GLU C 17 -28.82 12.81 35.70
C GLU C 17 -29.07 12.72 34.19
N GLN C 18 -27.98 12.75 33.41
CA GLN C 18 -28.12 12.64 31.96
C GLN C 18 -28.81 11.35 31.58
N LEU C 19 -28.45 10.25 32.25
CA LEU C 19 -29.17 9.00 32.07
C LEU C 19 -30.65 9.15 32.44
N LYS C 20 -30.96 9.95 33.47
CA LYS C 20 -32.35 10.10 33.90
C LYS C 20 -33.20 10.83 32.86
N MET C 21 -32.71 11.97 32.35
CA MET C 21 -33.43 12.60 31.25
C MET C 21 -33.46 11.73 29.99
N GLU C 22 -32.41 10.93 29.74
CA GLU C 22 -32.46 10.03 28.60
C GLU C 22 -33.57 9.00 28.74
N ALA C 23 -33.73 8.45 29.95
CA ALA C 23 -34.77 7.47 30.17
C ALA C 23 -36.17 8.07 30.05
N ASN C 24 -36.36 9.27 30.60
CA ASN C 24 -37.67 9.92 30.61
C ASN C 24 -37.79 10.84 29.40
N ILE C 25 -37.97 10.22 28.23
CA ILE C 25 -38.17 10.92 26.98
C ILE C 25 -39.43 10.39 26.32
N ASP C 26 -40.33 11.31 25.95
CA ASP C 26 -41.57 10.94 25.28
C ASP C 26 -41.24 10.57 23.84
N ARG C 27 -41.43 9.31 23.49
CA ARG C 27 -41.11 8.80 22.17
C ARG C 27 -42.33 8.16 21.51
N ILE C 28 -42.37 8.23 20.19
CA ILE C 28 -43.50 7.76 19.39
C ILE C 28 -43.16 6.37 18.86
N LYS C 29 -44.20 5.60 18.54
CA LYS C 29 -44.04 4.23 18.09
C LYS C 29 -43.21 4.17 16.80
N VAL C 30 -42.43 3.09 16.68
CA VAL C 30 -41.49 2.96 15.57
C VAL C 30 -42.22 2.84 14.24
N SER C 31 -43.45 2.32 14.25
CA SER C 31 -44.19 2.15 13.00
C SER C 31 -44.46 3.48 12.33
N LYS C 32 -44.78 4.51 13.10
CA LYS C 32 -45.03 5.83 12.53
C LYS C 32 -43.76 6.43 11.93
N ALA C 33 -42.62 6.24 12.60
CA ALA C 33 -41.36 6.71 12.04
C ALA C 33 -41.03 5.99 10.73
N ALA C 34 -41.27 4.67 10.70
CA ALA C 34 -41.08 3.91 9.47
C ALA C 34 -41.98 4.44 8.36
N ALA C 35 -43.25 4.72 8.68
CA ALA C 35 -44.16 5.26 7.69
C ALA C 35 -43.70 6.63 7.20
N ASP C 36 -43.18 7.46 8.09
CA ASP C 36 -42.68 8.77 7.67
C ASP C 36 -41.49 8.65 6.73
N LEU C 37 -40.57 7.73 7.03
CA LEU C 37 -39.44 7.50 6.13
C LEU C 37 -39.94 6.98 4.78
N MET C 38 -40.89 6.05 4.81
CA MET C 38 -41.54 5.58 3.58
C MET C 38 -42.08 6.74 2.76
N ALA C 39 -42.82 7.64 3.42
CA ALA C 39 -43.45 8.75 2.72
C ALA C 39 -42.43 9.68 2.12
N TYR C 40 -41.37 10.01 2.86
CA TYR C 40 -40.35 10.90 2.31
C TYR C 40 -39.66 10.26 1.11
N CYS C 41 -39.28 8.98 1.23
CA CYS C 41 -38.58 8.31 0.16
C CYS C 41 -39.43 8.22 -1.09
N GLU C 42 -40.73 7.94 -0.94
CA GLU C 42 -41.58 7.86 -2.12
C GLU C 42 -41.92 9.24 -2.68
N ALA C 43 -42.01 10.27 -1.84
CA ALA C 43 -42.39 11.59 -2.31
C ALA C 43 -41.26 12.26 -3.09
N HIS C 44 -40.02 12.18 -2.58
CA HIS C 44 -38.91 12.85 -3.23
C HIS C 44 -38.11 11.93 -4.14
N ALA C 45 -38.71 10.85 -4.63
CA ALA C 45 -37.97 9.86 -5.40
C ALA C 45 -37.65 10.35 -6.81
N LYS C 46 -38.57 11.10 -7.42
CA LYS C 46 -38.44 11.45 -8.83
C LYS C 46 -37.34 12.46 -9.10
N GLU C 47 -36.80 13.10 -8.07
CA GLU C 47 -35.85 14.19 -8.25
C GLU C 47 -34.39 13.77 -8.10
N ASP C 48 -34.12 12.47 -7.92
CA ASP C 48 -32.76 12.01 -7.70
C ASP C 48 -32.11 11.64 -9.04
N PRO C 49 -31.06 12.35 -9.46
CA PRO C 49 -30.37 11.94 -10.70
C PRO C 49 -29.76 10.55 -10.66
N LEU C 50 -29.31 10.09 -9.48
CA LEU C 50 -28.65 8.80 -9.40
C LEU C 50 -29.63 7.64 -9.24
N LEU C 51 -30.81 7.90 -8.66
CA LEU C 51 -31.78 6.83 -8.47
C LEU C 51 -32.29 6.29 -9.79
N THR C 52 -32.58 7.17 -10.74
CA THR C 52 -33.16 6.80 -12.02
C THR C 52 -32.33 7.38 -13.15
N PRO C 53 -32.34 6.74 -14.33
CA PRO C 53 -31.59 7.30 -15.46
C PRO C 53 -32.09 8.68 -15.85
N VAL C 54 -31.17 9.53 -16.27
CA VAL C 54 -31.46 10.92 -16.62
C VAL C 54 -30.97 11.16 -18.04
N PRO C 55 -31.66 11.97 -18.84
CA PRO C 55 -31.17 12.24 -20.21
C PRO C 55 -29.78 12.83 -20.20
N ALA C 56 -28.99 12.43 -21.20
CA ALA C 56 -27.58 12.84 -21.27
C ALA C 56 -27.44 14.34 -21.52
N SER C 57 -28.35 14.92 -22.29
CA SER C 57 -28.26 16.34 -22.59
C SER C 57 -28.41 17.19 -21.33
N GLU C 58 -29.32 16.81 -20.44
CA GLU C 58 -29.53 17.56 -19.21
C GLU C 58 -28.34 17.47 -18.27
N ASN C 59 -27.61 16.36 -18.30
CA ASN C 59 -26.49 16.19 -17.38
C ASN C 59 -25.34 17.10 -17.79
N PRO C 60 -24.88 17.98 -16.90
CA PRO C 60 -23.69 18.78 -17.21
C PRO C 60 -22.38 18.04 -17.02
N PHE C 61 -22.44 16.79 -16.52
CA PHE C 61 -21.25 16.01 -16.24
C PHE C 61 -20.96 14.97 -17.31
N ARG C 62 -21.61 15.06 -18.47
CA ARG C 62 -21.34 14.15 -19.59
C ARG C 62 -21.58 14.84 -20.92
N GLN D 24 -25.09 -2.16 24.84
CA GLN D 24 -23.93 -1.61 25.55
C GLN D 24 -22.87 -2.68 25.75
N VAL D 25 -21.65 -2.25 26.08
CA VAL D 25 -20.52 -3.13 26.31
C VAL D 25 -20.18 -3.07 27.80
N GLN D 26 -20.24 -4.21 28.47
CA GLN D 26 -19.93 -4.30 29.89
C GLN D 26 -18.99 -5.46 30.14
N LEU D 27 -18.15 -5.32 31.15
CA LEU D 27 -17.22 -6.37 31.56
C LEU D 27 -17.18 -6.40 33.08
N GLN D 28 -17.69 -7.49 33.66
CA GLN D 28 -17.78 -7.63 35.12
C GLN D 28 -16.83 -8.73 35.57
N GLU D 29 -15.93 -8.39 36.48
CA GLU D 29 -15.01 -9.35 37.04
C GLU D 29 -15.63 -10.04 38.26
N SER D 30 -15.01 -11.14 38.68
CA SER D 30 -15.47 -11.91 39.82
C SER D 30 -14.28 -12.42 40.60
N GLY D 31 -14.56 -13.00 41.77
CA GLY D 31 -13.53 -13.51 42.63
C GLY D 31 -12.86 -12.42 43.42
N GLY D 32 -11.90 -12.83 44.26
CA GLY D 32 -11.13 -11.88 45.05
C GLY D 32 -11.38 -12.00 46.54
N GLY D 33 -10.32 -11.92 47.33
CA GLY D 33 -10.45 -12.01 48.77
C GLY D 33 -9.08 -12.07 49.42
N LEU D 34 -9.10 -12.09 50.75
CA LEU D 34 -7.86 -12.17 51.54
C LEU D 34 -7.43 -13.62 51.61
N VAL D 35 -6.32 -13.95 50.94
CA VAL D 35 -5.82 -15.31 50.86
C VAL D 35 -4.35 -15.31 51.25
N GLN D 36 -3.98 -16.19 52.17
CA GLN D 36 -2.59 -16.32 52.58
C GLN D 36 -1.76 -16.93 51.44
N PRO D 37 -0.45 -16.70 51.45
CA PRO D 37 0.40 -17.27 50.39
C PRO D 37 0.27 -18.78 50.31
N GLY D 38 0.26 -19.31 49.09
CA GLY D 38 0.03 -20.71 48.84
C GLY D 38 -1.38 -21.07 48.44
N GLY D 39 -2.32 -20.14 48.55
CA GLY D 39 -3.69 -20.38 48.16
C GLY D 39 -3.89 -20.33 46.66
N SER D 40 -5.14 -20.55 46.25
CA SER D 40 -5.49 -20.57 44.84
C SER D 40 -6.84 -19.90 44.63
N LEU D 41 -6.93 -19.11 43.57
CA LEU D 41 -8.18 -18.47 43.17
C LEU D 41 -8.36 -18.63 41.67
N ARG D 42 -9.62 -18.63 41.24
CA ARG D 42 -9.96 -18.69 39.81
C ARG D 42 -10.83 -17.48 39.50
N LEU D 43 -10.27 -16.52 38.78
CA LEU D 43 -10.98 -15.30 38.42
C LEU D 43 -11.80 -15.52 37.16
N SER D 44 -12.75 -14.61 36.93
CA SER D 44 -13.60 -14.69 35.75
C SER D 44 -14.11 -13.30 35.40
N CYS D 45 -14.31 -13.08 34.10
CA CYS D 45 -14.88 -11.84 33.59
C CYS D 45 -15.99 -12.24 32.61
N ALA D 46 -17.18 -11.67 32.79
CA ALA D 46 -18.29 -12.00 31.91
C ALA D 46 -18.49 -10.89 30.89
N ALA D 47 -18.51 -11.26 29.61
CA ALA D 47 -18.60 -10.31 28.51
C ALA D 47 -19.90 -10.50 27.76
N SER D 48 -20.60 -9.41 27.52
CA SER D 48 -21.86 -9.42 26.78
C SER D 48 -21.92 -8.19 25.89
N GLY D 49 -22.76 -8.27 24.85
CA GLY D 49 -22.96 -7.19 23.92
C GLY D 49 -22.10 -7.26 22.67
N PHE D 50 -21.09 -8.14 22.63
CA PHE D 50 -20.24 -8.28 21.46
C PHE D 50 -19.87 -9.74 21.28
N THR D 51 -19.46 -10.08 20.06
CA THR D 51 -19.08 -11.44 19.73
C THR D 51 -17.74 -11.78 20.36
N PHE D 52 -17.74 -12.77 21.25
CA PHE D 52 -16.52 -13.14 21.96
C PHE D 52 -15.47 -13.73 21.01
N SER D 53 -15.91 -14.53 20.04
CA SER D 53 -15.01 -15.38 19.27
C SER D 53 -14.05 -14.61 18.37
N ASN D 54 -14.25 -13.32 18.16
CA ASN D 54 -13.47 -12.55 17.20
C ASN D 54 -12.69 -11.42 17.88
N TYR D 55 -12.09 -11.71 19.04
CA TYR D 55 -11.34 -10.68 19.76
C TYR D 55 -10.22 -11.33 20.56
N LYS D 56 -9.23 -10.52 20.90
CA LYS D 56 -8.10 -10.92 21.73
C LYS D 56 -8.23 -10.27 23.10
N MET D 57 -8.06 -11.07 24.15
CA MET D 57 -8.32 -10.62 25.51
C MET D 57 -7.06 -10.71 26.35
N ASN D 58 -7.09 -10.05 27.50
CA ASN D 58 -5.91 -9.92 28.35
C ASN D 58 -6.34 -9.56 29.77
N TRP D 59 -5.36 -9.48 30.66
CA TRP D 59 -5.58 -9.12 32.06
C TRP D 59 -4.63 -7.98 32.44
N VAL D 60 -5.14 -7.05 33.24
CA VAL D 60 -4.39 -5.88 33.66
C VAL D 60 -4.58 -5.68 35.16
N ARG D 61 -3.49 -5.38 35.87
CA ARG D 61 -3.51 -5.17 37.30
C ARG D 61 -2.97 -3.78 37.62
N GLN D 62 -3.25 -3.31 38.83
CA GLN D 62 -2.79 -1.99 39.26
C GLN D 62 -2.52 -2.03 40.75
N ALA D 63 -1.26 -1.83 41.12
CA ALA D 63 -0.80 -1.76 42.49
C ALA D 63 -0.73 -0.31 42.95
N PRO D 64 -0.77 -0.08 44.27
CA PRO D 64 -0.66 1.31 44.76
C PRO D 64 0.65 1.94 44.34
N GLY D 65 0.56 3.21 43.94
CA GLY D 65 1.73 3.93 43.45
C GLY D 65 2.35 3.32 42.21
N LYS D 66 1.53 2.76 41.33
CA LYS D 66 2.01 2.10 40.13
C LYS D 66 1.05 2.35 38.98
N GLY D 67 1.59 2.30 37.76
CA GLY D 67 0.77 2.36 36.57
C GLY D 67 0.21 1.00 36.20
N LEU D 68 -0.64 1.02 35.18
CA LEU D 68 -1.24 -0.23 34.70
C LEU D 68 -0.19 -1.11 34.02
N GLU D 69 -0.27 -2.40 34.28
CA GLU D 69 0.67 -3.37 33.74
C GLU D 69 -0.08 -4.50 33.05
N TRP D 70 0.59 -5.13 32.10
CA TRP D 70 0.02 -6.22 31.31
C TRP D 70 0.54 -7.55 31.85
N VAL D 71 -0.33 -8.56 31.86
CA VAL D 71 0.01 -9.83 32.50
C VAL D 71 -0.06 -10.99 31.49
N SER D 72 -1.24 -11.24 30.94
CA SER D 72 -1.44 -12.40 30.08
C SER D 72 -2.24 -12.00 28.85
N ASP D 73 -2.26 -12.89 27.86
CA ASP D 73 -3.03 -12.68 26.64
C ASP D 73 -3.35 -14.04 26.03
N ILE D 74 -4.32 -14.04 25.13
CA ILE D 74 -4.77 -15.27 24.48
C ILE D 74 -5.51 -14.88 23.21
N SER D 75 -5.30 -15.67 22.15
CA SER D 75 -5.92 -15.41 20.86
C SER D 75 -7.35 -15.95 20.87
N GLN D 76 -8.00 -15.92 19.71
CA GLN D 76 -9.40 -16.33 19.62
C GLN D 76 -9.55 -17.83 19.80
N SER D 77 -8.74 -18.62 19.08
CA SER D 77 -8.86 -20.07 19.16
C SER D 77 -8.31 -20.59 20.48
N GLY D 78 -7.15 -20.08 20.89
CA GLY D 78 -6.50 -20.54 22.11
C GLY D 78 -5.16 -21.20 21.84
N ALA D 79 -4.56 -20.90 20.69
CA ALA D 79 -3.29 -21.50 20.32
C ALA D 79 -2.12 -20.76 20.95
N SER D 80 -1.98 -19.48 20.66
CA SER D 80 -0.85 -18.69 21.14
C SER D 80 -1.15 -18.15 22.53
N ILE D 81 -0.24 -18.42 23.47
CA ILE D 81 -0.37 -17.97 24.85
C ILE D 81 0.96 -17.34 25.28
N SER D 82 0.90 -16.17 25.89
CA SER D 82 2.09 -15.48 26.37
C SER D 82 1.84 -14.92 27.76
N TYR D 83 2.91 -14.77 28.53
CA TYR D 83 2.84 -14.23 29.89
C TYR D 83 3.96 -13.23 30.10
N THR D 84 3.81 -12.41 31.13
CA THR D 84 4.89 -11.57 31.58
C THR D 84 5.92 -12.41 32.32
N GLY D 85 7.11 -11.83 32.53
CA GLY D 85 8.17 -12.56 33.19
C GLY D 85 7.95 -12.74 34.67
N SER D 86 7.13 -11.86 35.28
CA SER D 86 6.90 -11.95 36.72
C SER D 86 6.20 -13.25 37.09
N VAL D 87 5.21 -13.66 36.31
CA VAL D 87 4.46 -14.89 36.54
C VAL D 87 4.52 -15.73 35.27
N LYS D 88 5.12 -16.92 35.37
CA LYS D 88 5.21 -17.84 34.24
C LYS D 88 4.50 -19.15 34.50
N GLY D 89 4.83 -19.82 35.61
CA GLY D 89 4.18 -21.07 35.96
C GLY D 89 3.19 -20.89 37.09
N ARG D 90 3.22 -19.71 37.73
CA ARG D 90 2.30 -19.44 38.82
C ARG D 90 0.86 -19.32 38.31
N PHE D 91 0.65 -18.53 37.26
CA PHE D 91 -0.68 -18.26 36.74
C PHE D 91 -0.81 -18.84 35.33
N THR D 92 -2.06 -19.15 34.96
CA THR D 92 -2.38 -19.61 33.62
C THR D 92 -3.73 -19.02 33.21
N ILE D 93 -3.97 -18.96 31.90
CA ILE D 93 -5.18 -18.37 31.36
C ILE D 93 -5.85 -19.38 30.43
N SER D 94 -7.17 -19.24 30.30
CA SER D 94 -7.96 -20.11 29.44
C SER D 94 -9.28 -19.42 29.15
N ARG D 95 -9.95 -19.88 28.08
CA ARG D 95 -11.18 -19.27 27.63
C ARG D 95 -12.21 -20.34 27.30
N ASP D 96 -13.48 -19.91 27.24
CA ASP D 96 -14.57 -20.80 26.88
C ASP D 96 -15.58 -20.00 26.06
N ASN D 97 -15.62 -20.25 24.75
CA ASN D 97 -16.51 -19.49 23.87
C ASN D 97 -17.97 -19.75 24.21
N ALA D 98 -18.33 -21.00 24.50
CA ALA D 98 -19.73 -21.34 24.71
C ALA D 98 -20.31 -20.62 25.92
N LYS D 99 -19.50 -20.33 26.92
CA LYS D 99 -19.98 -19.68 28.13
C LYS D 99 -19.63 -18.20 28.20
N ASN D 100 -18.81 -17.69 27.28
CA ASN D 100 -18.53 -16.26 27.16
C ASN D 100 -17.87 -15.71 28.42
N THR D 101 -16.75 -16.31 28.80
CA THR D 101 -16.06 -15.89 30.02
C THR D 101 -14.60 -16.32 29.94
N LEU D 102 -13.71 -15.43 30.39
CA LEU D 102 -12.29 -15.69 30.48
C LEU D 102 -11.92 -16.10 31.89
N TYR D 103 -10.94 -16.99 32.02
CA TYR D 103 -10.53 -17.53 33.31
C TYR D 103 -9.03 -17.34 33.50
N LEU D 104 -8.64 -16.94 34.71
CA LEU D 104 -7.25 -16.75 35.09
C LEU D 104 -6.97 -17.56 36.34
N GLN D 105 -6.24 -18.66 36.20
CA GLN D 105 -5.83 -19.47 37.34
C GLN D 105 -4.76 -18.73 38.14
N MET D 106 -4.74 -19.00 39.45
CA MET D 106 -3.81 -18.36 40.37
C MET D 106 -3.23 -19.41 41.29
N ASN D 107 -1.92 -19.65 41.20
CA ASN D 107 -1.24 -20.62 42.04
C ASN D 107 0.01 -19.98 42.63
N SER D 108 0.40 -20.48 43.81
CA SER D 108 1.60 -20.03 44.52
C SER D 108 1.59 -18.52 44.71
N LEU D 109 0.61 -18.06 45.48
CA LEU D 109 0.42 -16.63 45.73
C LEU D 109 1.59 -16.07 46.54
N LYS D 110 1.91 -14.82 46.29
CA LYS D 110 2.97 -14.10 46.97
C LYS D 110 2.44 -12.74 47.40
N PRO D 111 3.05 -12.14 48.44
CA PRO D 111 2.56 -10.84 48.91
C PRO D 111 2.60 -9.74 47.87
N GLU D 112 3.58 -9.77 46.95
CA GLU D 112 3.69 -8.72 45.94
C GLU D 112 2.58 -8.76 44.91
N ASP D 113 1.77 -9.82 44.88
CA ASP D 113 0.66 -9.92 43.93
C ASP D 113 -0.64 -9.42 44.56
N THR D 114 -0.64 -8.12 44.88
CA THR D 114 -1.81 -7.45 45.44
C THR D 114 -2.14 -6.25 44.57
N ALA D 115 -3.29 -6.28 43.90
CA ALA D 115 -3.68 -5.25 42.95
C ALA D 115 -5.17 -5.38 42.67
N VAL D 116 -5.65 -4.62 41.68
CA VAL D 116 -7.02 -4.69 41.20
C VAL D 116 -6.99 -5.17 39.76
N TYR D 117 -7.81 -6.17 39.45
CA TYR D 117 -7.73 -6.90 38.19
C TYR D 117 -8.85 -6.49 37.26
N TYR D 118 -8.50 -6.15 36.02
CA TYR D 118 -9.46 -5.85 34.97
C TYR D 118 -9.29 -6.83 33.82
N CYS D 119 -10.40 -7.15 33.16
CA CYS D 119 -10.43 -8.05 32.02
C CYS D 119 -10.67 -7.21 30.77
N ALA D 120 -9.57 -6.71 30.19
CA ALA D 120 -9.65 -5.79 29.06
C ALA D 120 -9.84 -6.54 27.75
N ARG D 121 -10.18 -5.79 26.72
CA ARG D 121 -10.33 -6.33 25.37
C ARG D 121 -9.75 -5.34 24.37
N CYS D 122 -9.06 -5.86 23.36
CA CYS D 122 -8.49 -5.02 22.32
C CYS D 122 -9.60 -4.51 21.40
N PRO D 123 -9.42 -3.31 20.82
CA PRO D 123 -10.54 -2.68 20.11
C PRO D 123 -10.85 -3.30 18.76
N ALA D 124 -9.85 -3.60 17.95
CA ALA D 124 -10.19 -3.96 16.58
C ALA D 124 -10.48 -5.44 16.44
N PRO D 125 -11.41 -5.81 15.56
CA PRO D 125 -11.71 -7.21 15.32
C PRO D 125 -10.90 -7.79 14.16
N PHE D 126 -10.73 -9.11 14.20
CA PHE D 126 -10.01 -9.87 13.17
C PHE D 126 -8.60 -9.32 12.94
N THR D 127 -7.90 -8.99 14.01
CA THR D 127 -6.56 -8.42 13.92
C THR D 127 -5.64 -9.11 14.91
N ARG D 128 -4.34 -8.99 14.67
CA ARG D 128 -3.32 -9.57 15.54
C ARG D 128 -2.55 -8.54 16.34
N ASP D 129 -2.72 -7.26 16.06
CA ASP D 129 -2.12 -6.19 16.84
C ASP D 129 -3.22 -5.37 17.52
N CYS D 130 -2.96 -4.91 18.72
CA CYS D 130 -3.90 -4.06 19.45
C CYS D 130 -3.12 -3.12 20.36
N PHE D 131 -3.52 -1.86 20.37
CA PHE D 131 -2.87 -0.81 21.13
C PHE D 131 -3.57 -0.59 22.46
N ASP D 132 -3.14 0.46 23.17
CA ASP D 132 -3.83 0.98 24.35
C ASP D 132 -3.84 -0.09 25.43
N VAL D 133 -4.99 -0.63 25.82
CA VAL D 133 -5.14 -1.61 26.89
C VAL D 133 -4.70 -0.99 28.22
N THR D 134 -3.42 -0.63 28.33
CA THR D 134 -2.87 0.01 29.52
C THR D 134 -2.85 1.51 29.29
N SER D 135 -3.88 2.20 29.76
CA SER D 135 -3.98 3.65 29.60
C SER D 135 -4.78 4.22 30.76
N THR D 136 -4.66 5.54 30.93
CA THR D 136 -5.35 6.21 32.03
C THR D 136 -6.86 6.05 31.93
N THR D 137 -7.42 6.21 30.73
CA THR D 137 -8.87 6.05 30.53
C THR D 137 -9.09 5.32 29.21
N TYR D 138 -9.19 4.00 29.28
CA TYR D 138 -9.57 3.18 28.13
C TYR D 138 -11.09 3.10 28.05
N ALA D 139 -11.59 2.55 26.96
CA ALA D 139 -13.03 2.49 26.70
C ALA D 139 -13.66 1.17 27.14
N TYR D 140 -12.99 0.05 26.90
CA TYR D 140 -13.56 -1.28 27.15
C TYR D 140 -12.80 -1.94 28.29
N ARG D 141 -13.26 -1.71 29.51
CA ARG D 141 -12.63 -2.27 30.69
C ARG D 141 -13.66 -2.30 31.82
N GLY D 142 -13.41 -3.16 32.81
CA GLY D 142 -14.33 -3.32 33.92
C GLY D 142 -14.00 -2.46 35.12
N GLN D 143 -14.82 -2.63 36.16
CA GLN D 143 -14.61 -1.87 37.39
C GLN D 143 -13.45 -2.44 38.20
N GLY D 144 -13.27 -3.76 38.19
CA GLY D 144 -12.14 -4.38 38.86
C GLY D 144 -12.51 -5.16 40.11
N THR D 145 -11.68 -6.14 40.46
CA THR D 145 -11.84 -6.94 41.66
C THR D 145 -10.58 -6.84 42.51
N GLN D 146 -10.75 -6.84 43.81
CA GLN D 146 -9.65 -6.62 44.76
C GLN D 146 -9.18 -7.94 45.34
N VAL D 147 -7.87 -8.19 45.24
CA VAL D 147 -7.22 -9.34 45.87
C VAL D 147 -6.17 -8.81 46.83
N THR D 148 -6.23 -9.26 48.08
CA THR D 148 -5.34 -8.81 49.13
C THR D 148 -4.57 -9.99 49.69
N VAL D 149 -3.26 -9.81 49.85
CA VAL D 149 -2.41 -10.87 50.38
C VAL D 149 -1.81 -10.45 51.72
N CYS E 1 22.14 -17.88 -48.59
CA CYS E 1 23.41 -17.18 -48.72
C CYS E 1 23.62 -16.66 -50.14
N SER E 2 24.89 -16.50 -50.53
CA SER E 2 25.21 -15.99 -51.85
C SER E 2 26.59 -16.51 -52.26
N CYS E 3 26.85 -16.47 -53.57
CA CYS E 3 28.12 -16.88 -54.12
C CYS E 3 28.62 -15.81 -55.09
N SER E 4 29.89 -15.95 -55.48
CA SER E 4 30.48 -14.97 -56.39
C SER E 4 29.80 -15.00 -57.75
N SER E 5 29.50 -16.18 -58.27
CA SER E 5 28.91 -16.31 -59.59
C SER E 5 28.15 -17.61 -59.69
N LEU E 6 27.31 -17.71 -60.72
CA LEU E 6 26.54 -18.92 -60.99
C LEU E 6 27.38 -20.02 -61.64
N MET E 7 28.58 -19.70 -62.13
CA MET E 7 29.43 -20.73 -62.72
C MET E 7 29.99 -21.69 -61.68
N ASP E 8 30.30 -21.20 -60.48
CA ASP E 8 30.77 -22.05 -59.39
C ASP E 8 29.57 -22.79 -58.82
N LYS E 9 29.20 -23.88 -59.49
CA LYS E 9 27.99 -24.62 -59.14
C LYS E 9 28.08 -25.27 -57.76
N GLU E 10 29.29 -25.52 -57.26
CA GLU E 10 29.44 -26.14 -55.95
C GLU E 10 28.92 -25.23 -54.84
N CYS E 11 29.29 -23.95 -54.89
CA CYS E 11 28.81 -23.01 -53.88
C CYS E 11 27.30 -22.83 -54.00
N VAL E 12 26.78 -22.82 -55.22
CA VAL E 12 25.34 -22.68 -55.42
C VAL E 12 24.60 -23.87 -54.81
N TYR E 13 25.13 -25.09 -55.01
CA TYR E 13 24.52 -26.27 -54.40
C TYR E 13 24.61 -26.21 -52.87
N PHE E 14 25.75 -25.75 -52.35
CA PHE E 14 25.89 -25.59 -50.91
C PHE E 14 24.83 -24.64 -50.37
N CYS E 15 24.61 -23.53 -51.05
CA CYS E 15 23.59 -22.59 -50.59
C CYS E 15 22.19 -23.15 -50.80
N HIS E 16 22.01 -24.06 -51.75
CA HIS E 16 20.75 -24.77 -51.90
C HIS E 16 20.48 -25.64 -50.68
N LEU E 17 21.50 -26.30 -50.16
CA LEU E 17 21.37 -27.12 -48.95
C LEU E 17 22.07 -26.39 -47.80
N ASP E 18 21.35 -25.50 -47.15
CA ASP E 18 21.87 -24.69 -46.05
C ASP E 18 20.68 -24.02 -45.37
N ILE E 19 20.96 -23.18 -44.38
CA ILE E 19 19.91 -22.45 -43.67
C ILE E 19 19.68 -21.11 -44.38
N ILE E 20 18.52 -20.52 -44.12
CA ILE E 20 18.17 -19.22 -44.65
C ILE E 20 18.38 -18.19 -43.56
N TRP E 21 19.49 -17.46 -43.62
CA TRP E 21 19.85 -16.51 -42.59
C TRP E 21 20.82 -15.47 -43.13
N PRO F 500 35.06 -24.53 -62.01
CA PRO F 500 35.76 -25.11 -60.87
C PRO F 500 36.27 -26.52 -61.15
N PRO F 501 37.37 -26.91 -60.50
CA PRO F 501 37.88 -28.26 -60.70
C PRO F 501 36.91 -29.29 -60.18
N PRO F 502 36.91 -30.50 -60.74
CA PRO F 502 36.01 -31.54 -60.25
C PRO F 502 36.27 -31.85 -58.78
N CYS F 503 35.20 -32.09 -58.04
CA CYS F 503 35.31 -32.28 -56.60
C CYS F 503 35.58 -33.75 -56.28
N GLN F 504 36.35 -33.97 -55.20
CA GLN F 504 36.77 -35.32 -54.86
C GLN F 504 35.59 -36.23 -54.54
N GLY F 505 34.61 -35.72 -53.79
CA GLY F 505 33.44 -36.50 -53.44
C GLY F 505 32.19 -35.65 -53.42
N PRO F 506 31.03 -36.28 -53.30
CA PRO F 506 29.77 -35.52 -53.27
C PRO F 506 29.59 -34.80 -51.95
N ILE F 507 28.71 -33.81 -51.97
CA ILE F 507 28.30 -33.07 -50.78
C ILE F 507 26.96 -33.63 -50.32
N GLU F 508 26.95 -34.25 -49.15
CA GLU F 508 25.75 -34.89 -48.63
C GLU F 508 25.83 -34.94 -47.11
N ILE F 509 24.70 -35.20 -46.49
CA ILE F 509 24.58 -35.32 -45.04
C ILE F 509 24.12 -36.72 -44.71
N LYS F 510 24.77 -37.33 -43.72
CA LYS F 510 24.34 -38.65 -43.26
C LYS F 510 22.93 -38.57 -42.70
N GLU F 511 22.13 -39.61 -43.01
CA GLU F 511 20.73 -39.60 -42.59
C GLU F 511 20.58 -39.64 -41.07
N THR F 512 21.62 -40.06 -40.34
CA THR F 512 21.55 -40.04 -38.89
C THR F 512 21.45 -38.62 -38.35
N PHE F 513 22.04 -37.65 -39.05
CA PHE F 513 21.96 -36.27 -38.61
C PHE F 513 20.53 -35.75 -38.60
N LYS F 514 19.74 -36.13 -39.60
CA LYS F 514 18.38 -35.60 -39.73
C LYS F 514 17.56 -35.92 -38.48
N TYR F 515 17.68 -37.12 -37.95
CA TYR F 515 16.91 -37.49 -36.76
C TYR F 515 17.47 -36.88 -35.49
N ILE F 516 18.79 -36.65 -35.43
CA ILE F 516 19.38 -36.05 -34.24
C ILE F 516 18.88 -34.62 -34.06
N ASN F 517 18.87 -33.84 -35.14
CA ASN F 517 18.42 -32.46 -35.06
C ASN F 517 16.90 -32.40 -34.85
N THR F 518 16.16 -33.29 -35.50
CA THR F 518 14.70 -33.25 -35.39
C THR F 518 14.25 -33.51 -33.95
N VAL F 519 14.88 -34.46 -33.27
CA VAL F 519 14.54 -34.75 -31.88
C VAL F 519 14.80 -33.53 -31.00
N VAL F 520 15.96 -32.89 -31.20
CA VAL F 520 16.30 -31.71 -30.41
C VAL F 520 15.35 -30.56 -30.73
N SER F 521 15.02 -30.38 -32.01
CA SER F 521 14.16 -29.28 -32.41
C SER F 521 12.77 -29.38 -31.81
N CYS F 522 12.30 -30.60 -31.56
CA CYS F 522 10.98 -30.76 -30.95
C CYS F 522 10.95 -30.20 -29.53
N LEU F 523 12.02 -30.43 -28.76
CA LEU F 523 12.03 -30.03 -27.36
C LEU F 523 12.18 -28.52 -27.22
N VAL F 524 13.18 -27.94 -27.90
CA VAL F 524 13.44 -26.51 -27.76
C VAL F 524 12.26 -25.70 -28.30
N PHE F 525 11.52 -26.25 -29.25
CA PHE F 525 10.32 -25.57 -29.73
C PHE F 525 9.24 -25.51 -28.66
N VAL F 526 8.93 -26.65 -28.04
CA VAL F 526 7.80 -26.72 -27.12
C VAL F 526 8.01 -25.79 -25.93
N LEU F 527 9.23 -25.77 -25.39
CA LEU F 527 9.52 -24.88 -24.28
C LEU F 527 9.41 -23.42 -24.70
N GLY F 528 9.44 -23.16 -26.01
CA GLY F 528 9.45 -21.79 -26.47
C GLY F 528 8.10 -21.10 -26.35
N ILE F 529 7.10 -21.56 -27.09
CA ILE F 529 5.81 -20.85 -27.12
C ILE F 529 5.15 -20.89 -25.76
N ILE F 530 5.09 -22.06 -25.14
CA ILE F 530 4.41 -22.21 -23.86
C ILE F 530 5.11 -21.43 -22.76
N GLY F 531 6.45 -21.50 -22.72
CA GLY F 531 7.18 -20.80 -21.66
C GLY F 531 7.04 -19.29 -21.77
N ASN F 532 7.19 -18.75 -22.98
CA ASN F 532 7.18 -17.30 -23.14
C ASN F 532 5.78 -16.73 -23.06
N SER F 533 4.76 -17.49 -23.49
CA SER F 533 3.39 -16.98 -23.43
C SER F 533 2.93 -16.80 -21.99
N THR F 534 3.42 -17.65 -21.09
CA THR F 534 3.06 -17.51 -19.68
C THR F 534 3.54 -16.17 -19.12
N LEU F 535 4.76 -15.76 -19.47
CA LEU F 535 5.27 -14.47 -19.02
C LEU F 535 4.40 -13.33 -19.54
N LEU F 536 3.83 -13.49 -20.74
CA LEU F 536 2.89 -12.50 -21.25
C LEU F 536 1.53 -12.60 -20.58
N ARG F 537 1.18 -13.78 -20.06
CA ARG F 537 -0.14 -13.97 -19.47
C ARG F 537 -0.28 -13.22 -18.15
N ILE F 538 0.71 -13.32 -17.27
CA ILE F 538 0.62 -12.69 -15.96
C ILE F 538 0.57 -11.17 -16.10
N ILE F 539 1.41 -10.61 -16.97
CA ILE F 539 1.45 -9.16 -17.14
C ILE F 539 0.12 -8.65 -17.67
N TYR F 540 -0.46 -9.36 -18.64
CA TYR F 540 -1.71 -8.91 -19.26
C TYR F 540 -2.88 -9.00 -18.29
N LYS F 541 -2.90 -10.01 -17.42
CA LYS F 541 -4.07 -10.25 -16.57
C LYS F 541 -4.14 -9.25 -15.42
N ASN F 542 -3.15 -9.27 -14.54
CA ASN F 542 -3.17 -8.45 -13.34
C ASN F 542 -2.61 -7.07 -13.63
N LYS F 543 -3.37 -6.04 -13.24
CA LYS F 543 -2.95 -4.66 -13.47
C LYS F 543 -1.93 -4.17 -12.43
N CYS F 544 -1.80 -4.85 -11.29
CA CYS F 544 -0.74 -4.51 -10.36
C CYS F 544 0.63 -4.84 -10.94
N MET F 545 0.70 -5.85 -11.81
CA MET F 545 1.93 -6.19 -12.51
C MET F 545 2.33 -5.11 -13.51
N ARG F 546 1.41 -4.20 -13.85
CA ARG F 546 1.65 -3.22 -14.90
C ARG F 546 2.50 -2.08 -14.36
N ASN F 547 3.71 -1.93 -14.90
CA ASN F 547 4.60 -0.83 -14.55
C ASN F 547 5.68 -0.72 -15.62
N GLY F 548 6.33 0.44 -15.64
CA GLY F 548 7.29 0.77 -16.67
C GLY F 548 8.47 -0.18 -16.75
N PRO F 549 9.09 -0.47 -15.60
CA PRO F 549 10.13 -1.51 -15.58
C PRO F 549 9.65 -2.86 -16.09
N ASN F 550 8.41 -3.25 -15.78
CA ASN F 550 7.93 -4.57 -16.19
C ASN F 550 7.55 -4.62 -17.66
N ILE F 551 7.06 -3.51 -18.21
CA ILE F 551 6.67 -3.50 -19.62
C ILE F 551 7.87 -3.70 -20.52
N LEU F 552 9.03 -3.16 -20.13
CA LEU F 552 10.24 -3.37 -20.90
C LEU F 552 10.58 -4.85 -21.05
N ILE F 553 10.22 -5.66 -20.04
CA ILE F 553 10.40 -7.10 -20.16
C ILE F 553 9.44 -7.69 -21.19
N ALA F 554 8.20 -7.19 -21.21
CA ALA F 554 7.21 -7.71 -22.15
C ALA F 554 7.62 -7.46 -23.60
N SER F 555 8.39 -6.40 -23.84
CA SER F 555 8.91 -6.16 -25.19
C SER F 555 9.85 -7.28 -25.62
N LEU F 556 10.72 -7.71 -24.71
CA LEU F 556 11.61 -8.84 -25.01
C LEU F 556 10.83 -10.13 -25.15
N ALA F 557 9.79 -10.33 -24.34
CA ALA F 557 9.00 -11.54 -24.44
C ALA F 557 8.16 -11.56 -25.71
N LEU F 558 7.61 -10.42 -26.10
CA LEU F 558 6.79 -10.36 -27.31
C LEU F 558 7.62 -10.67 -28.55
N GLY F 559 8.83 -10.11 -28.63
CA GLY F 559 9.68 -10.38 -29.78
C GLY F 559 10.24 -11.77 -29.83
N ASP F 560 10.36 -12.43 -28.68
CA ASP F 560 10.83 -13.81 -28.66
C ASP F 560 9.85 -14.75 -29.34
N LEU F 561 8.55 -14.52 -29.17
CA LEU F 561 7.55 -15.37 -29.78
C LEU F 561 7.63 -15.32 -31.30
N LEU F 562 7.90 -14.14 -31.86
CA LEU F 562 8.02 -14.01 -33.31
C LEU F 562 9.19 -14.83 -33.84
N HIS F 563 10.31 -14.82 -33.12
CA HIS F 563 11.50 -15.55 -33.58
C HIS F 563 11.27 -17.05 -33.66
N ILE F 564 10.57 -17.62 -32.66
CA ILE F 564 10.41 -19.07 -32.62
C ILE F 564 9.48 -19.55 -33.73
N VAL F 565 8.39 -18.82 -33.97
CA VAL F 565 7.40 -19.27 -34.95
C VAL F 565 7.92 -19.09 -36.37
N ILE F 566 8.88 -18.19 -36.59
CA ILE F 566 9.34 -17.89 -37.94
C ILE F 566 10.61 -18.65 -38.28
N ASP F 567 11.62 -18.60 -37.41
CA ASP F 567 12.92 -19.16 -37.74
C ASP F 567 12.93 -20.69 -37.72
N ILE F 568 12.31 -21.29 -36.71
CA ILE F 568 12.43 -22.73 -36.48
C ILE F 568 11.59 -23.53 -37.49
N PRO F 569 10.28 -23.32 -37.60
CA PRO F 569 9.47 -24.25 -38.42
C PRO F 569 9.89 -24.31 -39.88
N ILE F 570 10.33 -23.20 -40.46
CA ILE F 570 10.73 -23.21 -41.86
C ILE F 570 11.99 -24.04 -42.06
N ASN F 571 12.97 -23.86 -41.18
CA ASN F 571 14.23 -24.60 -41.28
C ASN F 571 14.07 -26.09 -41.04
N VAL F 572 13.04 -26.51 -40.32
CA VAL F 572 12.80 -27.94 -40.14
C VAL F 572 12.35 -28.58 -41.45
N TYR F 573 11.50 -27.89 -42.21
CA TYR F 573 11.03 -28.42 -43.48
C TYR F 573 12.18 -28.60 -44.47
N LYS F 574 13.05 -27.59 -44.57
CA LYS F 574 14.11 -27.62 -45.57
C LYS F 574 15.08 -28.78 -45.37
N LEU F 575 15.23 -29.27 -44.14
CA LEU F 575 16.09 -30.42 -43.89
C LEU F 575 15.46 -31.74 -44.32
N LEU F 576 14.14 -31.78 -44.44
CA LEU F 576 13.45 -33.02 -44.77
C LEU F 576 13.24 -33.17 -46.28
N ALA F 577 12.57 -32.20 -46.89
CA ALA F 577 12.27 -32.28 -48.32
C ALA F 577 13.34 -31.66 -49.20
N GLU F 578 14.20 -30.79 -48.65
CA GLU F 578 15.25 -30.12 -49.41
C GLU F 578 14.68 -29.39 -50.62
N ASP F 579 13.61 -28.64 -50.39
CA ASP F 579 12.95 -27.88 -51.44
C ASP F 579 12.44 -26.57 -50.87
N TRP F 580 12.07 -25.63 -51.75
CA TRP F 580 11.47 -24.39 -51.29
C TRP F 580 10.24 -24.24 -52.13
N PRO F 581 9.23 -25.08 -51.86
CA PRO F 581 8.01 -25.05 -52.67
C PRO F 581 6.96 -24.13 -52.09
N PHE F 582 7.32 -23.38 -51.06
CA PHE F 582 6.37 -22.52 -50.39
C PHE F 582 5.79 -21.48 -51.34
N GLY F 583 6.66 -20.74 -52.03
CA GLY F 583 6.20 -19.69 -52.92
C GLY F 583 7.31 -18.86 -53.53
N ALA F 584 6.97 -17.85 -54.30
CA ALA F 584 7.99 -17.04 -54.99
C ALA F 584 8.30 -15.74 -54.27
N GLU F 585 7.29 -15.11 -53.71
CA GLU F 585 7.54 -13.91 -52.93
C GLU F 585 7.75 -14.29 -51.48
N MET F 586 7.20 -15.42 -51.07
CA MET F 586 7.41 -15.91 -49.72
C MET F 586 8.90 -15.90 -49.36
N CYS F 587 9.77 -16.16 -50.33
CA CYS F 587 11.21 -16.03 -50.13
C CYS F 587 11.62 -14.60 -49.82
N LYS F 588 10.83 -13.62 -50.23
CA LYS F 588 11.17 -12.22 -50.01
C LYS F 588 10.89 -11.75 -48.59
N LEU F 589 10.27 -12.58 -47.76
CA LEU F 589 9.77 -12.13 -46.46
C LEU F 589 10.46 -12.78 -45.28
N VAL F 590 10.83 -14.07 -45.38
CA VAL F 590 11.50 -14.74 -44.26
C VAL F 590 12.81 -14.06 -43.87
N PRO F 591 13.71 -13.73 -44.81
CA PRO F 591 14.93 -13.03 -44.39
C PRO F 591 14.68 -11.65 -43.80
N PHE F 592 13.48 -11.11 -43.96
CA PHE F 592 13.19 -9.78 -43.44
C PHE F 592 12.59 -9.84 -42.04
N ILE F 593 11.49 -10.58 -41.87
CA ILE F 593 10.84 -10.65 -40.57
C ILE F 593 11.76 -11.30 -39.53
N GLN F 594 12.45 -12.37 -39.92
CA GLN F 594 13.35 -13.05 -39.00
C GLN F 594 14.48 -12.14 -38.55
N LYS F 595 15.01 -11.32 -39.47
CA LYS F 595 16.04 -10.37 -39.09
C LYS F 595 15.51 -9.26 -38.19
N ALA F 596 14.21 -8.97 -38.27
CA ALA F 596 13.64 -7.92 -37.43
C ALA F 596 13.47 -8.38 -35.98
N SER F 597 13.08 -9.63 -35.79
CA SER F 597 12.88 -10.14 -34.43
C SER F 597 14.18 -10.19 -33.64
N VAL F 598 15.29 -10.56 -34.30
CA VAL F 598 16.58 -10.62 -33.60
C VAL F 598 16.99 -9.23 -33.14
N GLY F 599 16.70 -8.20 -33.94
CA GLY F 599 17.04 -6.84 -33.55
C GLY F 599 16.32 -6.39 -32.29
N ILE F 600 15.09 -6.85 -32.08
CA ILE F 600 14.35 -6.49 -30.88
C ILE F 600 14.97 -7.14 -29.65
N THR F 601 15.32 -8.42 -29.75
CA THR F 601 15.85 -9.14 -28.59
C THR F 601 17.17 -8.53 -28.12
N VAL F 602 18.06 -8.21 -29.05
CA VAL F 602 19.35 -7.64 -28.68
C VAL F 602 19.18 -6.26 -28.06
N LEU F 603 18.33 -5.43 -28.66
CA LEU F 603 18.18 -4.06 -28.18
C LEU F 603 17.40 -4.01 -26.87
N SER F 604 16.39 -4.85 -26.72
CA SER F 604 15.64 -4.87 -25.46
C SER F 604 16.51 -5.35 -24.31
N LEU F 605 17.43 -6.28 -24.58
CA LEU F 605 18.38 -6.70 -23.56
C LEU F 605 19.28 -5.54 -23.14
N CYS F 606 19.56 -4.62 -24.07
CA CYS F 606 20.36 -3.44 -23.75
C CYS F 606 19.58 -2.42 -22.92
N ALA F 607 18.26 -2.37 -23.06
CA ALA F 607 17.47 -1.38 -22.33
C ALA F 607 17.41 -1.72 -20.84
N LEU F 608 17.21 -2.99 -20.50
CA LEU F 608 17.14 -3.39 -19.10
C LEU F 608 18.46 -3.17 -18.39
N SER F 609 19.58 -3.46 -19.06
CA SER F 609 20.89 -3.31 -18.43
C SER F 609 21.22 -1.85 -18.12
N ILE F 610 20.47 -0.91 -18.69
CA ILE F 610 20.61 0.50 -18.31
C ILE F 610 19.64 0.86 -17.19
N ASP F 611 18.42 0.32 -17.24
CA ASP F 611 17.42 0.64 -16.23
C ASP F 611 17.83 0.14 -14.85
N ARG F 612 18.37 -1.07 -14.78
CA ARG F 612 18.76 -1.64 -13.48
C ARG F 612 19.86 -0.83 -12.82
N TYR F 613 20.66 -0.09 -13.59
CA TYR F 613 21.68 0.77 -13.00
C TYR F 613 21.09 2.05 -12.42
N ARG F 614 20.03 2.57 -13.06
CA ARG F 614 19.47 3.84 -12.60
C ARG F 614 18.90 3.73 -11.19
N ALA F 615 18.20 2.63 -10.89
CA ALA F 615 17.60 2.47 -9.57
C ALA F 615 18.65 2.23 -8.50
N VAL F 616 19.65 1.40 -8.79
CA VAL F 616 20.68 1.09 -7.79
C VAL F 616 21.47 2.35 -7.44
N ALA F 617 21.84 3.14 -8.45
CA ALA F 617 22.55 4.39 -8.20
C ALA F 617 21.64 5.46 -7.63
N SER F 618 20.32 5.30 -7.76
CA SER F 618 19.38 6.29 -7.23
C SER F 618 19.43 6.32 -5.71
N TRP F 619 19.29 7.52 -5.14
CA TRP F 619 19.31 7.67 -3.70
C TRP F 619 17.92 7.88 -3.10
N SER F 620 17.21 8.91 -3.55
CA SER F 620 15.93 9.27 -2.97
C SER F 620 14.73 8.87 -3.83
N ARG F 621 14.96 8.28 -4.99
CA ARG F 621 13.88 7.96 -5.89
C ARG F 621 13.16 6.69 -5.46
N ILE F 622 11.83 6.78 -5.36
CA ILE F 622 10.99 5.61 -5.16
C ILE F 622 10.40 5.23 -6.52
N LYS F 623 10.76 4.06 -7.01
CA LYS F 623 10.30 3.61 -8.33
C LYS F 623 8.83 3.26 -8.23
N GLY F 624 7.97 4.21 -8.59
CA GLY F 624 6.54 3.97 -8.53
C GLY F 624 6.09 2.91 -9.50
N ILE F 625 5.00 2.21 -9.14
CA ILE F 625 4.46 1.16 -9.97
C ILE F 625 3.58 1.76 -11.04
N GLY F 626 4.16 2.09 -12.19
CA GLY F 626 3.42 2.69 -13.28
C GLY F 626 4.27 2.71 -14.53
N VAL F 627 3.63 3.10 -15.63
CA VAL F 627 4.28 3.15 -16.94
C VAL F 627 4.49 4.62 -17.30
N PRO F 628 5.70 5.15 -17.18
CA PRO F 628 5.94 6.54 -17.60
C PRO F 628 5.84 6.69 -19.11
N LYS F 629 5.52 7.92 -19.52
CA LYS F 629 5.44 8.21 -20.95
C LYS F 629 6.79 8.07 -21.63
N TRP F 630 7.89 8.27 -20.89
CA TRP F 630 9.21 8.13 -21.47
C TRP F 630 9.54 6.67 -21.79
N THR F 631 9.04 5.74 -20.98
CA THR F 631 9.29 4.32 -21.25
C THR F 631 8.65 3.89 -22.56
N ALA F 632 7.45 4.38 -22.85
CA ALA F 632 6.79 4.05 -24.10
C ALA F 632 7.56 4.57 -25.31
N VAL F 633 8.35 5.62 -25.15
CA VAL F 633 9.17 6.12 -26.25
C VAL F 633 10.27 5.11 -26.60
N GLU F 634 10.86 4.49 -25.58
CA GLU F 634 11.94 3.54 -25.82
C GLU F 634 11.46 2.34 -26.63
N ILE F 635 10.29 1.82 -26.31
CA ILE F 635 9.77 0.64 -27.02
C ILE F 635 9.51 0.95 -28.48
N VAL F 636 8.88 2.10 -28.75
CA VAL F 636 8.58 2.48 -30.13
C VAL F 636 9.87 2.68 -30.91
N LEU F 637 10.84 3.36 -30.31
CA LEU F 637 12.11 3.59 -31.00
C LEU F 637 12.85 2.28 -31.26
N ILE F 638 12.85 1.37 -30.28
CA ILE F 638 13.54 0.09 -30.45
C ILE F 638 12.88 -0.73 -31.54
N TRP F 639 11.54 -0.81 -31.52
CA TRP F 639 10.83 -1.61 -32.50
C TRP F 639 10.98 -1.03 -33.90
N VAL F 640 10.87 0.30 -34.03
CA VAL F 640 10.92 0.93 -35.34
C VAL F 640 12.29 0.77 -35.98
N VAL F 641 13.35 0.99 -35.20
CA VAL F 641 14.71 0.96 -35.77
C VAL F 641 15.07 -0.44 -36.26
N SER F 642 14.47 -1.47 -35.66
CA SER F 642 14.77 -2.84 -36.09
C SER F 642 14.22 -3.11 -37.48
N VAL F 643 12.98 -2.68 -37.74
CA VAL F 643 12.37 -2.89 -39.05
C VAL F 643 13.00 -2.03 -40.14
N VAL F 644 13.84 -1.08 -39.77
CA VAL F 644 14.51 -0.24 -40.75
C VAL F 644 15.86 -0.81 -41.16
N LEU F 645 16.54 -1.51 -40.25
CA LEU F 645 17.88 -2.04 -40.51
C LEU F 645 17.87 -3.42 -41.16
N ALA F 646 16.70 -3.95 -41.47
CA ALA F 646 16.59 -5.23 -42.17
C ALA F 646 16.10 -5.06 -43.61
N VAL F 647 16.12 -3.84 -44.13
CA VAL F 647 15.63 -3.60 -45.50
C VAL F 647 16.42 -4.36 -46.55
N PRO F 648 17.77 -4.39 -46.54
CA PRO F 648 18.49 -5.06 -47.62
C PRO F 648 18.12 -6.53 -47.81
N GLU F 649 17.75 -7.23 -46.74
CA GLU F 649 17.32 -8.62 -46.89
C GLU F 649 15.97 -8.73 -47.59
N ALA F 650 15.12 -7.70 -47.48
CA ALA F 650 13.77 -7.80 -48.01
C ALA F 650 13.73 -7.68 -49.52
N ILE F 651 14.68 -6.96 -50.12
CA ILE F 651 14.65 -6.68 -51.55
C ILE F 651 15.85 -7.28 -52.27
N GLY F 652 16.68 -8.06 -51.56
CA GLY F 652 17.91 -8.56 -52.15
C GLY F 652 17.84 -9.99 -52.65
N PHE F 653 16.85 -10.75 -52.21
CA PHE F 653 16.77 -12.15 -52.56
C PHE F 653 15.99 -12.34 -53.87
N ASP F 654 16.07 -13.56 -54.40
CA ASP F 654 15.43 -13.90 -55.67
C ASP F 654 15.40 -15.42 -55.78
N ILE F 655 14.88 -15.90 -56.91
CA ILE F 655 14.79 -17.33 -57.18
C ILE F 655 15.45 -17.58 -58.53
N ILE F 656 16.67 -18.13 -58.51
CA ILE F 656 17.35 -18.54 -59.73
C ILE F 656 16.96 -19.97 -60.06
N THR F 657 17.26 -20.41 -61.28
CA THR F 657 16.89 -21.74 -61.78
C THR F 657 18.13 -22.45 -62.30
N MET F 658 19.19 -22.45 -61.51
CA MET F 658 20.45 -23.03 -61.92
C MET F 658 20.36 -24.57 -61.95
N ASP F 659 21.34 -25.18 -62.62
CA ASP F 659 21.37 -26.63 -62.80
C ASP F 659 22.76 -27.15 -62.47
N TYR F 660 22.81 -28.24 -61.70
CA TYR F 660 24.07 -28.83 -61.29
C TYR F 660 23.86 -30.32 -61.02
N LYS F 661 24.87 -31.13 -61.38
CA LYS F 661 24.83 -32.57 -61.23
C LYS F 661 23.63 -33.18 -61.94
N GLY F 662 23.31 -32.65 -63.11
CA GLY F 662 22.17 -33.14 -63.87
C GLY F 662 20.86 -32.97 -63.14
N SER F 663 20.70 -31.88 -62.40
CA SER F 663 19.50 -31.61 -61.61
C SER F 663 19.17 -30.13 -61.75
N TYR F 664 18.02 -29.83 -62.35
CA TYR F 664 17.57 -28.46 -62.56
C TYR F 664 16.59 -28.09 -61.45
N LEU F 665 17.04 -27.28 -60.50
CA LEU F 665 16.24 -26.93 -59.34
C LEU F 665 16.08 -25.41 -59.25
N ARG F 666 15.45 -24.97 -58.16
CA ARG F 666 15.30 -23.55 -57.85
C ARG F 666 15.72 -23.32 -56.41
N ILE F 667 16.41 -22.19 -56.18
CA ILE F 667 16.91 -21.84 -54.86
C ILE F 667 16.48 -20.42 -54.53
N CYS F 668 16.34 -20.16 -53.23
CA CYS F 668 16.00 -18.84 -52.70
C CYS F 668 17.26 -18.30 -52.04
N LEU F 669 18.07 -17.58 -52.81
CA LEU F 669 19.36 -17.08 -52.37
C LEU F 669 19.49 -15.61 -52.76
N LEU F 670 20.60 -15.00 -52.34
CA LEU F 670 20.91 -13.62 -52.69
C LEU F 670 21.50 -13.59 -54.09
N HIS F 671 20.89 -12.82 -54.98
CA HIS F 671 21.28 -12.82 -56.39
C HIS F 671 22.72 -12.33 -56.52
N PRO F 672 23.60 -13.09 -57.18
CA PRO F 672 25.02 -12.67 -57.26
C PRO F 672 25.23 -11.30 -57.88
N VAL F 673 24.43 -10.93 -58.87
CA VAL F 673 24.57 -9.64 -59.55
C VAL F 673 23.38 -8.77 -59.13
N GLN F 674 23.69 -7.58 -58.62
CA GLN F 674 22.67 -6.63 -58.20
C GLN F 674 22.57 -5.52 -59.25
N LYS F 675 21.78 -4.49 -58.95
CA LYS F 675 21.54 -3.38 -59.87
C LYS F 675 22.11 -2.07 -59.37
N THR F 676 21.83 -1.69 -58.12
CA THR F 676 22.31 -0.44 -57.56
C THR F 676 23.70 -0.64 -56.97
N ALA F 677 24.20 0.36 -56.25
CA ALA F 677 25.50 0.28 -55.60
C ALA F 677 25.42 0.09 -54.09
N PHE F 678 24.28 0.41 -53.48
CA PHE F 678 24.13 0.21 -52.04
C PHE F 678 24.09 -1.27 -51.68
N MET F 679 23.31 -2.06 -52.42
CA MET F 679 23.22 -3.49 -52.15
C MET F 679 24.43 -4.26 -52.63
N GLN F 680 25.13 -3.78 -53.66
CA GLN F 680 26.34 -4.46 -54.10
C GLN F 680 27.42 -4.39 -53.03
N PHE F 681 27.49 -3.28 -52.30
CA PHE F 681 28.39 -3.21 -51.15
C PHE F 681 27.84 -4.02 -49.98
N TYR F 682 26.52 -4.10 -49.86
CA TYR F 682 25.93 -4.87 -48.76
C TYR F 682 26.28 -6.34 -48.86
N LYS F 683 26.30 -6.88 -50.09
CA LYS F 683 26.70 -8.27 -50.27
C LYS F 683 28.10 -8.53 -49.75
N THR F 684 29.05 -7.67 -50.10
CA THR F 684 30.46 -7.92 -49.83
C THR F 684 30.86 -7.65 -48.39
N ALA F 685 29.96 -7.12 -47.56
CA ALA F 685 30.30 -6.83 -46.18
C ALA F 685 29.18 -7.20 -45.20
N LYS F 686 28.21 -8.02 -45.62
CA LYS F 686 27.13 -8.39 -44.72
C LYS F 686 27.62 -9.26 -43.57
N ASP F 687 28.58 -10.14 -43.85
CA ASP F 687 29.02 -11.10 -42.82
C ASP F 687 29.63 -10.38 -41.62
N TRP F 688 30.46 -9.37 -41.86
CA TRP F 688 31.05 -8.61 -40.77
C TRP F 688 30.04 -7.65 -40.14
N TRP F 689 29.00 -7.26 -40.90
CA TRP F 689 27.99 -6.35 -40.37
C TRP F 689 27.12 -7.02 -39.33
N LEU F 690 26.77 -8.30 -39.56
CA LEU F 690 25.92 -9.01 -38.61
C LEU F 690 26.63 -9.26 -37.29
N PHE F 691 27.96 -9.41 -37.34
CA PHE F 691 28.70 -9.80 -36.14
C PHE F 691 28.72 -8.68 -35.09
N SER F 692 28.99 -7.45 -35.51
CA SER F 692 29.21 -6.35 -34.59
C SER F 692 27.93 -5.60 -34.21
N PHE F 693 26.80 -5.95 -34.79
CA PHE F 693 25.55 -5.27 -34.47
C PHE F 693 24.45 -6.24 -34.01
N TYR F 694 24.77 -7.52 -33.85
CA TYR F 694 23.79 -8.44 -33.25
C TYR F 694 24.39 -9.39 -32.24
N PHE F 695 25.71 -9.57 -32.18
CA PHE F 695 26.35 -10.35 -31.14
C PHE F 695 27.31 -9.54 -30.30
N CYS F 696 28.24 -8.83 -30.93
CA CYS F 696 29.26 -8.10 -30.18
C CYS F 696 28.69 -6.87 -29.49
N LEU F 697 27.78 -6.15 -30.14
CA LEU F 697 27.23 -4.94 -29.53
C LEU F 697 26.49 -5.22 -28.23
N PRO F 698 25.51 -6.15 -28.17
CA PRO F 698 24.85 -6.39 -26.89
C PRO F 698 25.78 -6.90 -25.80
N LEU F 699 26.80 -7.68 -26.15
CA LEU F 699 27.68 -8.25 -25.13
C LEU F 699 28.56 -7.19 -24.50
N ALA F 700 29.03 -6.21 -25.29
CA ALA F 700 30.00 -5.25 -24.78
C ALA F 700 29.38 -4.29 -23.78
N ILE F 701 28.22 -3.72 -24.11
CA ILE F 701 27.66 -2.66 -23.26
C ILE F 701 26.93 -3.26 -22.06
N THR F 702 26.19 -4.34 -22.26
CA THR F 702 25.46 -4.94 -21.15
C THR F 702 26.41 -5.44 -20.07
N ALA F 703 27.52 -6.06 -20.47
CA ALA F 703 28.52 -6.47 -19.49
C ALA F 703 29.13 -5.26 -18.80
N PHE F 704 29.48 -4.23 -19.57
CA PHE F 704 30.14 -3.06 -18.97
C PHE F 704 29.22 -2.34 -17.99
N PHE F 705 27.94 -2.19 -18.34
CA PHE F 705 27.00 -1.50 -17.45
C PHE F 705 26.79 -2.29 -16.17
N TYR F 706 26.80 -3.62 -16.25
CA TYR F 706 26.48 -4.44 -15.09
C TYR F 706 27.60 -4.48 -14.06
N THR F 707 28.85 -4.18 -14.46
CA THR F 707 29.91 -4.07 -13.47
C THR F 707 29.75 -2.80 -12.65
N LEU F 708 29.32 -1.71 -13.28
CA LEU F 708 29.07 -0.47 -12.54
C LEU F 708 27.98 -0.66 -11.50
N MET F 709 26.91 -1.39 -11.84
CA MET F 709 25.89 -1.71 -10.87
C MET F 709 26.44 -2.61 -9.76
N THR F 710 27.22 -3.61 -10.13
CA THR F 710 27.77 -4.54 -9.14
C THR F 710 28.78 -3.85 -8.24
N CYS F 711 29.61 -2.98 -8.81
CA CYS F 711 30.58 -2.24 -8.00
C CYS F 711 29.88 -1.33 -6.99
N GLU F 712 28.72 -0.79 -7.35
CA GLU F 712 27.99 0.09 -6.43
C GLU F 712 27.53 -0.66 -5.19
N MET F 713 26.99 -1.87 -5.38
CA MET F 713 26.45 -2.62 -4.24
C MET F 713 27.56 -3.19 -3.36
N LEU F 714 28.59 -3.77 -3.97
CA LEU F 714 29.63 -4.46 -3.21
C LEU F 714 30.58 -3.51 -2.50
N ARG F 715 30.65 -2.25 -2.91
CA ARG F 715 31.53 -1.29 -2.27
C ARG F 715 31.01 -0.90 -0.89
N LEU F 724 21.92 -7.52 8.46
CA LEU F 724 22.74 -7.21 7.30
C LEU F 724 23.39 -8.47 6.73
N ASN F 725 23.47 -9.52 7.57
CA ASN F 725 24.04 -10.78 7.12
C ASN F 725 23.21 -11.39 6.00
N ASP F 726 21.88 -11.36 6.13
CA ASP F 726 21.02 -11.82 5.06
C ASP F 726 21.15 -10.95 3.82
N HIS F 727 21.24 -9.63 4.01
CA HIS F 727 21.37 -8.71 2.89
C HIS F 727 22.71 -8.86 2.18
N LEU F 728 23.77 -9.18 2.93
CA LEU F 728 25.07 -9.43 2.30
C LEU F 728 25.00 -10.63 1.37
N LYS F 729 24.24 -11.66 1.74
CA LYS F 729 24.01 -12.78 0.84
C LYS F 729 23.25 -12.34 -0.41
N GLN F 730 22.26 -11.45 -0.25
CA GLN F 730 21.45 -11.02 -1.38
C GLN F 730 22.28 -10.29 -2.43
N ARG F 731 23.18 -9.41 -1.98
CA ARG F 731 24.00 -8.65 -2.93
C ARG F 731 24.91 -9.56 -3.73
N ARG F 732 25.46 -10.59 -3.10
CA ARG F 732 26.27 -11.55 -3.82
C ARG F 732 25.42 -12.49 -4.68
N GLU F 733 24.19 -12.78 -4.24
CA GLU F 733 23.31 -13.63 -5.04
C GLU F 733 22.91 -12.97 -6.35
N VAL F 734 22.51 -11.69 -6.28
CA VAL F 734 22.08 -11.00 -7.50
C VAL F 734 23.27 -10.75 -8.42
N ALA F 735 24.45 -10.51 -7.86
CA ALA F 735 25.63 -10.28 -8.71
C ALA F 735 25.95 -11.51 -9.53
N LYS F 736 25.83 -12.70 -8.94
CA LYS F 736 26.06 -13.94 -9.69
C LYS F 736 24.97 -14.17 -10.72
N THR F 737 23.71 -13.91 -10.35
CA THR F 737 22.61 -14.10 -11.30
C THR F 737 22.71 -13.15 -12.48
N VAL F 738 23.20 -11.93 -12.24
CA VAL F 738 23.37 -10.96 -13.32
C VAL F 738 24.32 -11.49 -14.39
N PHE F 739 25.45 -12.04 -13.97
CA PHE F 739 26.43 -12.56 -14.92
C PHE F 739 26.12 -13.98 -15.37
N CYS F 740 25.10 -14.63 -14.81
CA CYS F 740 24.70 -15.94 -15.29
C CYS F 740 23.94 -15.83 -16.62
N LEU F 741 23.07 -14.84 -16.75
CA LEU F 741 22.30 -14.68 -17.98
C LEU F 741 23.17 -14.16 -19.13
N VAL F 742 24.16 -13.33 -18.82
CA VAL F 742 25.06 -12.84 -19.86
C VAL F 742 25.89 -13.99 -20.43
N LEU F 743 26.40 -14.85 -19.56
CA LEU F 743 27.22 -15.97 -20.02
C LEU F 743 26.42 -16.94 -20.88
N VAL F 744 25.17 -17.20 -20.51
CA VAL F 744 24.29 -18.01 -21.34
C VAL F 744 24.08 -17.36 -22.70
N PHE F 745 23.96 -16.04 -22.72
CA PHE F 745 23.77 -15.33 -23.98
C PHE F 745 24.99 -15.46 -24.89
N ALA F 746 26.19 -15.40 -24.31
CA ALA F 746 27.40 -15.49 -25.12
C ALA F 746 27.56 -16.86 -25.75
N LEU F 747 27.25 -17.92 -25.01
CA LEU F 747 27.50 -19.27 -25.50
C LEU F 747 26.49 -19.70 -26.55
N CYS F 748 25.22 -19.29 -26.39
CA CYS F 748 24.18 -19.78 -27.29
C CYS F 748 24.40 -19.33 -28.73
N TRP F 749 24.78 -18.08 -28.94
CA TRP F 749 24.94 -17.52 -30.27
C TRP F 749 26.33 -17.76 -30.85
N LEU F 750 27.24 -18.38 -30.09
CA LEU F 750 28.62 -18.54 -30.55
C LEU F 750 28.74 -19.38 -31.82
N PRO F 751 28.12 -20.57 -31.92
CA PRO F 751 28.38 -21.39 -33.12
C PRO F 751 27.78 -20.83 -34.39
N LEU F 752 26.58 -20.26 -34.33
CA LEU F 752 25.89 -19.81 -35.54
C LEU F 752 26.66 -18.70 -36.24
N HIS F 753 27.19 -17.75 -35.47
CA HIS F 753 27.96 -16.66 -36.07
C HIS F 753 29.28 -17.16 -36.64
N LEU F 754 29.92 -18.12 -35.95
CA LEU F 754 31.21 -18.61 -36.42
C LEU F 754 31.09 -19.39 -37.72
N SER F 755 29.92 -19.96 -38.00
CA SER F 755 29.74 -20.72 -39.22
C SER F 755 29.93 -19.84 -40.46
N ARG F 756 29.37 -18.63 -40.43
CA ARG F 756 29.50 -17.73 -41.57
C ARG F 756 30.95 -17.27 -41.75
N ILE F 757 31.69 -17.14 -40.64
CA ILE F 757 33.06 -16.63 -40.72
C ILE F 757 33.98 -17.64 -41.39
N LEU F 758 33.88 -18.92 -40.98
CA LEU F 758 34.75 -19.94 -41.56
C LEU F 758 34.46 -20.15 -43.04
N LYS F 759 33.21 -19.92 -43.45
CA LYS F 759 32.86 -19.99 -44.86
C LYS F 759 33.62 -18.92 -45.64
N LEU F 760 33.66 -17.70 -45.13
CA LEU F 760 34.20 -16.57 -45.86
C LEU F 760 35.68 -16.31 -45.60
N THR F 761 36.35 -17.16 -44.81
CA THR F 761 37.75 -16.94 -44.48
C THR F 761 38.66 -18.02 -45.05
N LEU F 762 38.38 -19.30 -44.77
CA LEU F 762 39.31 -20.37 -45.11
C LEU F 762 38.95 -21.11 -46.39
N TYR F 763 37.70 -21.01 -46.86
CA TYR F 763 37.28 -21.77 -48.02
C TYR F 763 38.00 -21.30 -49.28
N ASN F 764 38.40 -22.24 -50.12
CA ASN F 764 39.11 -21.97 -51.35
C ASN F 764 38.28 -22.47 -52.53
N GLN F 765 38.13 -21.63 -53.55
CA GLN F 765 37.31 -22.01 -54.71
C GLN F 765 37.92 -23.16 -55.50
N ASN F 766 39.24 -23.27 -55.51
CA ASN F 766 39.92 -24.32 -56.25
C ASN F 766 40.35 -25.48 -55.36
N ASP F 767 39.86 -25.55 -54.14
CA ASP F 767 40.23 -26.62 -53.23
C ASP F 767 39.69 -27.95 -53.74
N PRO F 768 40.54 -28.95 -54.00
CA PRO F 768 40.02 -30.24 -54.48
C PRO F 768 39.07 -30.90 -53.52
N ASN F 769 39.32 -30.79 -52.22
CA ASN F 769 38.47 -31.38 -51.19
C ASN F 769 37.62 -30.32 -50.48
N ARG F 770 37.23 -29.28 -51.22
CA ARG F 770 36.31 -28.29 -50.67
C ARG F 770 34.98 -28.91 -50.31
N CYS F 771 34.66 -30.06 -50.90
CA CYS F 771 33.38 -30.72 -50.63
C CYS F 771 33.30 -31.17 -49.18
N GLU F 772 34.41 -31.68 -48.63
CA GLU F 772 34.44 -32.12 -47.25
C GLU F 772 34.32 -30.94 -46.29
N LEU F 773 35.10 -29.89 -46.53
CA LEU F 773 35.02 -28.71 -45.68
C LEU F 773 33.64 -28.08 -45.75
N LEU F 774 33.05 -28.04 -46.94
CA LEU F 774 31.69 -27.52 -47.08
C LEU F 774 30.71 -28.36 -46.27
N SER F 775 30.77 -29.69 -46.40
CA SER F 775 29.87 -30.55 -45.66
C SER F 775 30.06 -30.40 -44.15
N PHE F 776 31.28 -30.11 -43.73
CA PHE F 776 31.55 -29.79 -42.32
C PHE F 776 30.75 -28.55 -41.92
N LEU F 777 30.66 -27.55 -42.80
CA LEU F 777 30.02 -26.28 -42.46
C LEU F 777 28.52 -26.43 -42.24
N LEU F 778 27.87 -27.43 -42.83
CA LEU F 778 26.46 -27.66 -42.58
C LEU F 778 26.18 -28.31 -41.23
N VAL F 779 27.20 -28.90 -40.60
CA VAL F 779 26.98 -29.55 -39.31
C VAL F 779 26.72 -28.54 -38.21
N LEU F 780 27.32 -27.35 -38.30
CA LEU F 780 27.15 -26.33 -37.26
C LEU F 780 25.90 -25.50 -37.47
N ASP F 781 25.60 -25.12 -38.72
CA ASP F 781 24.48 -24.21 -38.96
C ASP F 781 23.16 -24.81 -38.51
N TYR F 782 22.91 -26.09 -38.81
CA TYR F 782 21.64 -26.69 -38.46
C TYR F 782 21.49 -26.85 -36.95
N ILE F 783 22.56 -27.21 -36.26
CA ILE F 783 22.48 -27.32 -34.81
C ILE F 783 22.60 -25.95 -34.16
N GLY F 784 23.27 -25.00 -34.81
CA GLY F 784 23.44 -23.69 -34.24
C GLY F 784 22.13 -22.93 -34.06
N ILE F 785 21.20 -23.11 -34.99
CA ILE F 785 19.90 -22.46 -34.87
C ILE F 785 19.17 -22.96 -33.62
N ASN F 786 19.30 -24.26 -33.32
CA ASN F 786 18.62 -24.82 -32.17
C ASN F 786 19.13 -24.23 -30.87
N MET F 787 20.45 -24.07 -30.73
CA MET F 787 20.98 -23.45 -29.52
C MET F 787 20.90 -21.93 -29.57
N ALA F 788 20.81 -21.35 -30.77
CA ALA F 788 20.54 -19.92 -30.86
C ALA F 788 19.15 -19.58 -30.34
N SER F 789 18.17 -20.43 -30.63
CA SER F 789 16.84 -20.23 -30.11
C SER F 789 16.74 -20.48 -28.61
N LEU F 790 17.78 -21.08 -28.00
CA LEU F 790 17.76 -21.32 -26.56
C LEU F 790 17.72 -20.03 -25.77
N ASN F 791 18.34 -18.96 -26.28
CA ASN F 791 18.32 -17.69 -25.57
C ASN F 791 16.94 -17.06 -25.58
N SER F 792 16.10 -17.40 -26.57
CA SER F 792 14.72 -16.95 -26.56
C SER F 792 13.88 -17.70 -25.54
N CYS F 793 14.42 -18.76 -24.93
CA CYS F 793 13.70 -19.53 -23.93
C CYS F 793 14.28 -19.40 -22.52
N ILE F 794 15.53 -19.00 -22.37
CA ILE F 794 16.19 -19.02 -21.06
C ILE F 794 15.63 -18.00 -20.07
N ASN F 795 15.14 -16.87 -20.56
CA ASN F 795 14.74 -15.75 -19.71
C ASN F 795 13.62 -16.10 -18.73
N PRO F 796 12.52 -16.74 -19.17
CA PRO F 796 11.44 -17.04 -18.20
C PRO F 796 11.83 -17.97 -17.06
N ILE F 797 12.70 -18.96 -17.29
CA ILE F 797 13.17 -19.77 -16.16
C ILE F 797 14.01 -18.94 -15.22
N ALA F 798 14.85 -18.05 -15.78
CA ALA F 798 15.65 -17.17 -14.95
C ALA F 798 14.79 -16.22 -14.12
N LEU F 799 13.52 -16.06 -14.47
CA LEU F 799 12.61 -15.27 -13.66
C LEU F 799 11.93 -16.12 -12.60
N TYR F 800 11.80 -17.42 -12.83
CA TYR F 800 11.23 -18.31 -11.83
C TYR F 800 12.18 -18.51 -10.65
N LEU F 801 13.48 -18.54 -10.92
CA LEU F 801 14.49 -18.80 -9.89
C LEU F 801 14.91 -17.54 -9.13
N VAL F 802 14.37 -16.38 -9.48
CA VAL F 802 14.80 -15.10 -8.91
C VAL F 802 13.65 -14.37 -8.23
N SER F 803 12.57 -14.12 -8.97
CA SER F 803 11.46 -13.30 -8.48
C SER F 803 10.50 -14.18 -7.69
N LYS F 804 10.42 -13.93 -6.38
CA LYS F 804 9.48 -14.66 -5.54
C LYS F 804 8.04 -14.35 -5.93
N ARG F 805 7.76 -13.09 -6.25
CA ARG F 805 6.42 -12.71 -6.70
C ARG F 805 6.05 -13.42 -8.00
N PHE F 806 6.99 -13.50 -8.94
CA PHE F 806 6.73 -14.25 -10.16
C PHE F 806 6.65 -15.75 -9.90
N LYS F 807 7.30 -16.23 -8.83
CA LYS F 807 7.25 -17.66 -8.51
C LYS F 807 5.83 -18.09 -8.15
N ASN F 808 5.13 -17.29 -7.35
CA ASN F 808 3.76 -17.62 -6.99
C ASN F 808 2.85 -17.61 -8.21
N CYS F 809 3.03 -16.63 -9.10
CA CYS F 809 2.21 -16.57 -10.31
C CYS F 809 2.51 -17.75 -11.23
N PHE F 810 3.77 -18.19 -11.30
CA PHE F 810 4.11 -19.36 -12.11
C PHE F 810 3.44 -20.61 -11.56
N LYS F 811 3.38 -20.74 -10.23
CA LYS F 811 2.72 -21.90 -9.64
C LYS F 811 1.23 -21.92 -9.99
N SER F 812 0.58 -20.76 -9.95
CA SER F 812 -0.83 -20.67 -10.28
C SER F 812 -1.06 -20.85 -11.78
#